data_2WK4
#
_entry.id   2WK4
#
_cell.length_a   132.613
_cell.length_b   132.613
_cell.length_c   150.582
_cell.angle_alpha   90.00
_cell.angle_beta   90.00
_cell.angle_gamma   90.00
#
_symmetry.space_group_name_H-M   'P 41 21 2'
#
loop_
_entity.id
_entity.type
_entity.pdbx_description
1 polymer 'PROTEASE-POLYMERASE P70'
2 non-polymer GLYCEROL
3 water water
#
_entity_poly.entity_id   1
_entity_poly.type   'polypeptide(L)'
_entity_poly.pdbx_seq_one_letter_code
;DEFQWKGLPVVKSGLDVGGMPTGTRYHRSPAWPEEQPGETHAPAPFGSGDKRYTFSQTEMLVNGLKPYTEPTAGVPPQLL
SRAVTHVRSYIETIIGTHRSPVLTYHQACELLERTTSCGPFVQGLKGDYWDEEQQQYTGVLANHLEQAWDKANKGIAPRN
AYKLALKDELRPIEKNKAGKRRLLWGCDAATTLIATAAFKAVATRLQVVTPMTPVAVGINMDSVQMQVMNDSLKGGVLYC
LDYSKWDSTQNPAVTAASLAILERFAEPHPIVSCAIEALSSPAEGYVNDIKFVTRGGLPSGMPFTSVVNSINHMIYVAAA
ILQAYESHNVPYTGNVFQVETIHTYGGGCMYSVCPATASIFHTVLANLTSYGLKPTAADKSDAIKPTNTPVFLKRTFTQT
PHGIRALLDITSITRQFYWLKANRTSDPSSPPAFDRQARSAQLENALAYASQHGPVMFDTVRQIAIKTAQGEGLVLVNTN
YDQALATYNAWFIGGTVPDPVGHTEGTHKIVFEME
;
_entity_poly.pdbx_strand_id   A,B
#
loop_
_chem_comp.id
_chem_comp.type
_chem_comp.name
_chem_comp.formula
GOL non-polymer GLYCEROL 'C3 H8 O3'
#
# COMPACT_ATOMS: atom_id res chain seq x y z
N GLN A 4 41.80 13.30 -30.82
CA GLN A 4 41.28 12.03 -30.22
C GLN A 4 40.48 12.27 -28.92
N TRP A 5 41.20 12.65 -27.87
CA TRP A 5 40.59 13.17 -26.65
C TRP A 5 40.59 14.70 -26.66
N LYS A 6 41.13 15.30 -27.71
CA LYS A 6 41.32 16.75 -27.79
C LYS A 6 40.05 17.49 -28.24
N GLY A 7 39.79 18.64 -27.59
CA GLY A 7 38.54 19.37 -27.75
C GLY A 7 37.46 18.93 -26.75
N LEU A 8 37.88 18.13 -25.76
CA LEU A 8 37.06 17.65 -24.63
C LEU A 8 37.76 18.02 -23.33
N PRO A 9 36.99 18.39 -22.27
CA PRO A 9 37.61 18.71 -20.97
C PRO A 9 38.35 17.51 -20.34
N VAL A 10 39.33 16.98 -21.09
CA VAL A 10 40.07 15.78 -20.70
C VAL A 10 41.47 16.09 -20.15
N VAL A 11 41.93 15.27 -19.22
CA VAL A 11 43.17 15.56 -18.55
C VAL A 11 43.85 14.22 -18.13
N LYS A 12 45.11 14.27 -17.73
CA LYS A 12 45.76 13.11 -17.19
C LYS A 12 45.33 12.98 -15.75
N SER A 13 44.72 11.84 -15.43
CA SER A 13 44.16 11.60 -14.10
C SER A 13 45.19 11.26 -13.06
N GLY A 14 46.39 10.85 -13.51
CA GLY A 14 47.46 10.46 -12.59
C GLY A 14 47.31 9.02 -12.14
N LEU A 15 46.30 8.34 -12.69
CA LEU A 15 46.07 6.92 -12.50
C LEU A 15 45.84 6.33 -13.86
N ASP A 16 45.73 5.01 -13.90
CA ASP A 16 45.37 4.29 -15.10
C ASP A 16 44.40 3.23 -14.67
N VAL A 17 43.21 3.30 -15.23
CA VAL A 17 42.04 2.61 -14.71
C VAL A 17 41.76 1.36 -15.53
N GLY A 18 42.40 1.26 -16.68
CA GLY A 18 42.15 0.13 -17.56
C GLY A 18 41.04 0.40 -18.55
N GLY A 19 41.07 -0.35 -19.63
CA GLY A 19 40.11 -0.17 -20.70
C GLY A 19 38.77 -0.76 -20.34
N MET A 20 37.77 -0.48 -21.18
CA MET A 20 36.43 -1.02 -21.01
C MET A 20 36.40 -2.48 -21.41
N PRO A 21 35.42 -3.25 -20.89
CA PRO A 21 35.26 -4.62 -21.35
C PRO A 21 34.86 -4.69 -22.82
N THR A 22 35.38 -5.70 -23.53
CA THR A 22 35.03 -5.98 -24.93
C THR A 22 33.93 -7.01 -24.99
N GLY A 23 33.12 -6.99 -26.04
CA GLY A 23 32.03 -7.96 -26.18
C GLY A 23 30.68 -7.58 -25.58
N THR A 24 29.81 -8.58 -25.49
CA THR A 24 28.47 -8.45 -24.91
C THR A 24 28.12 -9.74 -24.20
N ARG A 25 27.29 -9.64 -23.15
CA ARG A 25 26.85 -10.82 -22.42
C ARG A 25 25.64 -11.46 -23.06
N TYR A 26 25.23 -10.91 -24.21
CA TYR A 26 23.99 -11.36 -24.85
C TYR A 26 24.18 -12.43 -25.89
N HIS A 27 23.39 -13.49 -25.77
CA HIS A 27 23.36 -14.56 -26.75
C HIS A 27 21.98 -14.69 -27.38
N ARG A 28 21.98 -14.84 -28.70
CA ARG A 28 20.80 -15.32 -29.36
C ARG A 28 20.51 -16.66 -28.69
N SER A 29 19.24 -16.94 -28.44
CA SER A 29 18.83 -18.15 -27.75
C SER A 29 19.20 -19.42 -28.54
N PRO A 30 19.30 -20.57 -27.85
CA PRO A 30 19.50 -21.81 -28.61
C PRO A 30 18.26 -22.14 -29.45
N ALA A 31 17.06 -21.81 -28.96
CA ALA A 31 15.80 -22.07 -29.70
C ALA A 31 15.48 -21.07 -30.83
N TRP A 32 16.16 -19.94 -30.86
CA TRP A 32 15.88 -18.93 -31.87
C TRP A 32 17.16 -18.46 -32.59
N PRO A 33 17.79 -19.34 -33.39
CA PRO A 33 19.09 -19.01 -34.00
C PRO A 33 19.05 -17.87 -34.99
N GLU A 34 17.86 -17.60 -35.52
CA GLU A 34 17.69 -16.62 -36.60
C GLU A 34 16.66 -15.55 -36.24
N GLU A 35 16.98 -14.29 -36.56
CA GLU A 35 16.12 -13.10 -36.29
C GLU A 35 14.67 -13.31 -36.66
N GLN A 36 13.81 -13.34 -35.65
CA GLN A 36 12.37 -13.44 -35.83
C GLN A 36 11.84 -12.09 -36.28
N PRO A 37 10.86 -12.08 -37.20
CA PRO A 37 10.14 -10.81 -37.54
C PRO A 37 9.28 -10.26 -36.38
N GLY A 38 9.45 -8.97 -36.08
CA GLY A 38 8.81 -8.30 -34.94
C GLY A 38 9.78 -7.87 -33.85
N GLU A 39 10.92 -8.57 -33.81
CA GLU A 39 12.03 -8.23 -32.93
C GLU A 39 12.54 -6.86 -33.30
N THR A 40 12.47 -5.93 -32.34
CA THR A 40 12.94 -4.57 -32.61
C THR A 40 14.14 -4.17 -31.75
N HIS A 41 14.63 -5.11 -30.95
CA HIS A 41 15.78 -4.86 -30.08
C HIS A 41 16.89 -5.88 -30.33
N ALA A 42 18.14 -5.45 -30.12
CA ALA A 42 19.34 -6.28 -30.30
C ALA A 42 20.43 -5.65 -29.46
N PRO A 43 21.44 -6.42 -28.98
CA PRO A 43 22.46 -5.84 -28.11
C PRO A 43 23.02 -4.53 -28.67
N ALA A 44 23.34 -3.59 -27.79
CA ALA A 44 23.96 -2.34 -28.23
C ALA A 44 25.30 -2.64 -28.92
N PRO A 45 25.79 -1.72 -29.78
CA PRO A 45 27.07 -1.92 -30.49
C PRO A 45 28.27 -2.04 -29.56
N PHE A 46 29.03 -3.13 -29.69
CA PHE A 46 30.12 -3.39 -28.76
C PHE A 46 31.53 -3.28 -29.30
N GLY A 47 31.73 -2.42 -30.27
CA GLY A 47 33.09 -2.11 -30.74
C GLY A 47 33.63 -3.13 -31.72
N SER A 48 34.76 -3.71 -31.38
CA SER A 48 35.46 -4.62 -32.29
C SER A 48 35.05 -6.05 -32.06
N GLY A 49 34.64 -6.72 -33.12
CA GLY A 49 34.24 -8.11 -32.99
C GLY A 49 32.80 -8.44 -33.29
N ASP A 50 31.95 -7.43 -33.49
CA ASP A 50 30.67 -7.74 -34.13
C ASP A 50 30.74 -7.35 -35.57
N LYS A 51 30.63 -8.36 -36.43
CA LYS A 51 30.63 -8.14 -37.87
C LYS A 51 29.33 -7.41 -38.28
N ARG A 52 28.59 -6.96 -37.26
CA ARG A 52 27.33 -6.21 -37.40
C ARG A 52 27.55 -4.78 -37.90
N TYR A 53 28.43 -4.02 -37.22
CA TYR A 53 28.76 -2.64 -37.61
C TYR A 53 30.25 -2.39 -37.35
N THR A 54 30.82 -1.35 -37.95
CA THR A 54 32.22 -1.00 -37.71
C THR A 54 32.36 0.27 -36.85
N PHE A 55 32.15 0.10 -35.54
CA PHE A 55 32.33 1.17 -34.56
C PHE A 55 33.47 0.89 -33.57
N SER A 56 34.18 1.94 -33.19
CA SER A 56 35.13 1.82 -32.12
C SER A 56 34.36 2.09 -30.84
N GLN A 57 34.61 1.29 -29.81
CA GLN A 57 33.92 1.47 -28.53
C GLN A 57 34.14 2.89 -28.01
N THR A 58 35.42 3.24 -27.90
CA THR A 58 35.82 4.57 -27.51
C THR A 58 35.17 5.67 -28.34
N GLU A 59 34.80 5.40 -29.60
CA GLU A 59 34.00 6.37 -30.36
C GLU A 59 32.68 6.64 -29.66
N MET A 60 31.89 5.60 -29.38
CA MET A 60 30.59 5.78 -28.70
C MET A 60 30.72 6.55 -27.44
N LEU A 61 31.81 6.29 -26.74
CA LEU A 61 32.05 6.87 -25.46
C LEU A 61 32.07 8.38 -25.66
N VAL A 62 33.01 8.83 -26.48
CA VAL A 62 33.19 10.22 -26.75
C VAL A 62 31.86 10.81 -27.28
N ASN A 63 31.24 10.16 -28.27
CA ASN A 63 29.92 10.57 -28.73
C ASN A 63 28.88 10.69 -27.60
N GLY A 64 28.73 9.65 -26.80
CA GLY A 64 27.87 9.70 -25.64
C GLY A 64 28.20 10.88 -24.74
N LEU A 65 29.48 11.25 -24.71
CA LEU A 65 29.99 12.25 -23.78
C LEU A 65 29.78 13.72 -24.22
N LYS A 66 29.65 13.94 -25.52
CA LYS A 66 29.48 15.31 -26.05
C LYS A 66 28.46 16.17 -25.25
N PRO A 67 27.27 15.65 -24.95
CA PRO A 67 26.37 16.47 -24.11
C PRO A 67 26.95 16.96 -22.80
N TYR A 68 27.87 16.21 -22.20
CA TYR A 68 28.26 16.52 -20.82
C TYR A 68 29.38 17.51 -20.88
N THR A 69 29.54 18.08 -22.06
CA THR A 69 30.74 18.79 -22.36
C THR A 69 30.59 20.28 -22.03
N GLU A 70 29.35 20.76 -22.07
CA GLU A 70 29.00 22.08 -21.60
C GLU A 70 27.57 22.11 -21.07
N PRO A 71 27.23 23.15 -20.28
CA PRO A 71 25.92 23.20 -19.67
C PRO A 71 24.79 23.63 -20.56
N THR A 72 23.65 23.18 -20.11
CA THR A 72 22.37 23.40 -20.72
C THR A 72 21.92 24.76 -20.14
N ALA A 73 20.88 25.37 -20.69
CA ALA A 73 20.53 26.77 -20.34
C ALA A 73 20.12 26.91 -18.88
N GLY A 74 19.38 25.92 -18.39
CA GLY A 74 18.90 25.92 -17.02
C GLY A 74 17.67 26.77 -16.78
N VAL A 75 17.53 27.21 -15.53
CA VAL A 75 16.37 27.96 -15.10
C VAL A 75 16.93 29.17 -14.35
N PRO A 76 16.57 30.39 -14.81
CA PRO A 76 17.07 31.66 -14.29
C PRO A 76 16.96 31.70 -12.76
N PRO A 77 17.92 32.34 -12.06
CA PRO A 77 17.98 32.00 -10.65
C PRO A 77 16.75 32.40 -9.87
N GLN A 78 16.11 33.51 -10.24
CA GLN A 78 14.85 33.89 -9.57
C GLN A 78 13.68 32.90 -9.72
N LEU A 79 13.47 32.40 -10.93
CA LEU A 79 12.44 31.42 -11.20
C LEU A 79 12.78 30.11 -10.52
N LEU A 80 14.05 29.71 -10.63
CA LEU A 80 14.53 28.49 -10.00
C LEU A 80 14.20 28.52 -8.51
N SER A 81 14.44 29.67 -7.87
CA SER A 81 14.07 29.79 -6.47
C SER A 81 12.58 29.64 -6.17
N ARG A 82 11.70 30.23 -6.97
CA ARG A 82 10.28 30.05 -6.70
C ARG A 82 9.93 28.56 -6.82
N ALA A 83 10.44 27.95 -7.87
CA ALA A 83 10.11 26.56 -8.19
C ALA A 83 10.45 25.73 -6.98
N VAL A 84 11.62 26.01 -6.41
CA VAL A 84 12.09 25.25 -5.28
C VAL A 84 11.11 25.36 -4.10
N THR A 85 10.53 26.52 -3.82
CA THR A 85 9.54 26.55 -2.71
C THR A 85 8.29 25.65 -2.95
N HIS A 86 7.86 25.55 -4.19
CA HIS A 86 6.77 24.63 -4.52
C HIS A 86 7.17 23.17 -4.26
N VAL A 87 8.36 22.79 -4.74
CA VAL A 87 8.87 21.44 -4.55
C VAL A 87 9.09 21.18 -3.07
N ARG A 88 9.57 22.20 -2.35
CA ARG A 88 9.86 22.07 -0.92
C ARG A 88 8.61 22.00 -0.07
N SER A 89 7.71 22.97 -0.23
CA SER A 89 6.51 22.99 0.61
C SER A 89 5.67 21.73 0.39
N TYR A 90 5.52 21.33 -0.88
CA TYR A 90 4.69 20.20 -1.16
C TYR A 90 5.16 18.95 -0.42
N ILE A 91 6.45 18.64 -0.51
CA ILE A 91 6.90 17.39 0.11
C ILE A 91 7.01 17.55 1.63
N GLU A 92 7.34 18.74 2.10
CA GLU A 92 7.17 19.00 3.51
C GLU A 92 5.83 18.45 3.94
N THR A 93 4.78 18.61 3.12
CA THR A 93 3.45 18.35 3.63
C THR A 93 3.12 16.89 3.62
N ILE A 94 3.85 16.08 2.84
CA ILE A 94 3.52 14.68 2.92
C ILE A 94 4.54 13.86 3.69
N ILE A 95 5.79 14.28 3.73
CA ILE A 95 6.74 13.61 4.62
C ILE A 95 7.05 14.37 5.91
N GLY A 96 6.32 15.42 6.22
CA GLY A 96 6.57 16.11 7.46
C GLY A 96 7.86 16.93 7.44
N THR A 97 8.03 17.78 8.46
CA THR A 97 9.16 18.71 8.51
C THR A 97 10.32 18.09 9.24
N HIS A 98 10.13 16.81 9.61
CA HIS A 98 11.17 16.07 10.34
C HIS A 98 12.50 16.02 9.62
N ARG A 99 13.59 16.17 10.38
CA ARG A 99 14.93 15.99 9.84
C ARG A 99 15.53 14.64 10.23
N SER A 100 15.87 13.83 9.23
CA SER A 100 16.36 12.47 9.50
C SER A 100 17.81 12.50 9.92
N PRO A 101 18.13 11.84 11.05
CA PRO A 101 19.51 11.63 11.49
C PRO A 101 20.34 10.85 10.48
N VAL A 102 21.58 11.28 10.31
CA VAL A 102 22.52 10.72 9.35
C VAL A 102 22.82 9.23 9.65
N LEU A 103 23.32 8.46 8.69
CA LEU A 103 23.65 7.05 8.99
C LEU A 103 25.03 6.80 9.62
N THR A 104 25.13 5.70 10.32
CA THR A 104 26.37 5.13 10.84
C THR A 104 27.28 4.60 9.73
N TYR A 105 28.60 4.65 9.92
CA TYR A 105 29.50 4.03 8.96
C TYR A 105 29.12 2.56 8.60
N HIS A 106 28.93 1.68 9.60
CA HIS A 106 28.46 0.33 9.35
C HIS A 106 27.10 0.33 8.65
N GLN A 107 26.24 1.27 9.00
CA GLN A 107 24.89 1.26 8.43
C GLN A 107 24.88 1.50 6.92
N ALA A 108 25.56 2.58 6.49
CA ALA A 108 25.71 2.87 5.08
C ALA A 108 26.36 1.71 4.35
N CYS A 109 27.38 1.14 4.97
CA CYS A 109 28.13 0.04 4.38
C CYS A 109 27.31 -1.17 3.94
N GLU A 110 26.44 -1.67 4.80
CA GLU A 110 25.66 -2.86 4.50
C GLU A 110 24.58 -2.56 3.50
N LEU A 111 24.46 -1.31 3.10
CA LEU A 111 23.48 -0.89 2.10
C LEU A 111 24.12 -0.68 0.72
N LEU A 112 25.42 -0.83 0.65
CA LEU A 112 26.14 -0.72 -0.60
C LEU A 112 25.82 -1.95 -1.42
N GLU A 113 25.68 -1.76 -2.74
CA GLU A 113 25.33 -2.85 -3.62
C GLU A 113 26.58 -3.66 -3.91
N ARG A 114 26.58 -4.90 -3.45
CA ARG A 114 27.79 -5.69 -3.46
C ARG A 114 28.19 -6.21 -4.83
N THR A 115 27.31 -6.04 -5.81
CA THR A 115 27.47 -6.69 -7.10
C THR A 115 28.01 -5.73 -8.21
N THR A 116 28.57 -4.60 -7.78
CA THR A 116 28.69 -3.42 -8.59
C THR A 116 29.97 -2.64 -8.26
N SER A 117 30.67 -2.14 -9.26
CA SER A 117 32.09 -1.77 -9.10
C SER A 117 32.43 -0.77 -7.97
N CYS A 118 33.62 -0.94 -7.36
CA CYS A 118 34.16 -0.05 -6.34
C CYS A 118 34.50 1.34 -6.86
N GLY A 119 34.35 1.55 -8.17
CA GLY A 119 34.66 2.83 -8.79
C GLY A 119 36.10 2.93 -9.26
N PRO A 120 36.57 4.14 -9.59
CA PRO A 120 37.87 4.23 -10.25
C PRO A 120 39.14 4.12 -9.36
N PHE A 121 39.02 4.07 -8.03
CA PHE A 121 40.21 4.02 -7.16
C PHE A 121 40.59 2.63 -6.59
N VAL A 122 39.68 1.65 -6.69
CA VAL A 122 39.92 0.30 -6.24
C VAL A 122 39.33 -0.63 -7.30
N GLN A 123 40.11 -1.55 -7.87
CA GLN A 123 39.51 -2.42 -8.89
C GLN A 123 38.59 -3.51 -8.29
N GLY A 124 37.80 -4.17 -9.12
CA GLY A 124 36.93 -5.24 -8.63
C GLY A 124 35.62 -4.68 -8.15
N LEU A 125 34.74 -5.57 -7.69
CA LEU A 125 33.41 -5.18 -7.23
C LEU A 125 33.46 -4.95 -5.73
N LYS A 126 32.39 -4.38 -5.17
CA LYS A 126 32.33 -4.18 -3.71
C LYS A 126 32.32 -5.51 -2.98
N GLY A 127 31.52 -6.44 -3.51
CA GLY A 127 31.41 -7.79 -2.97
C GLY A 127 32.71 -8.56 -2.82
N ASP A 128 33.74 -8.16 -3.57
CA ASP A 128 35.06 -8.80 -3.47
C ASP A 128 35.74 -8.62 -2.10
N TYR A 129 35.34 -7.58 -1.38
CA TYR A 129 36.03 -7.16 -0.16
C TYR A 129 35.15 -7.24 1.07
N TRP A 130 33.99 -7.88 0.93
CA TRP A 130 33.05 -8.06 2.03
C TRP A 130 33.38 -9.34 2.80
N ASP A 131 33.65 -9.19 4.10
CA ASP A 131 33.82 -10.35 4.98
C ASP A 131 32.46 -10.73 5.53
N GLU A 132 32.04 -11.94 5.16
CA GLU A 132 30.74 -12.44 5.50
C GLU A 132 30.60 -12.80 6.98
N GLU A 133 31.62 -13.45 7.53
CA GLU A 133 31.61 -13.81 8.91
C GLU A 133 31.59 -12.55 9.78
N GLN A 134 32.41 -11.57 9.42
CA GLN A 134 32.49 -10.33 10.19
C GLN A 134 31.30 -9.42 9.90
N GLN A 135 30.66 -9.62 8.76
CA GLN A 135 29.60 -8.74 8.28
C GLN A 135 30.10 -7.32 8.10
N GLN A 136 31.25 -7.15 7.45
CA GLN A 136 31.82 -5.82 7.14
C GLN A 136 32.83 -5.89 6.00
N TYR A 137 33.14 -4.73 5.43
CA TYR A 137 34.17 -4.63 4.40
C TYR A 137 35.57 -4.73 4.99
N THR A 138 36.49 -5.21 4.17
CA THR A 138 37.75 -5.68 4.61
C THR A 138 38.76 -5.26 3.56
N GLY A 139 40.05 -5.34 3.88
CA GLY A 139 41.10 -5.07 2.91
C GLY A 139 41.16 -3.69 2.28
N VAL A 140 41.56 -3.65 1.01
CA VAL A 140 41.90 -2.39 0.34
C VAL A 140 40.69 -1.48 0.36
N LEU A 141 39.54 -2.04 -0.04
CA LEU A 141 38.34 -1.22 -0.11
C LEU A 141 37.98 -0.65 1.25
N ALA A 142 38.11 -1.47 2.29
CA ALA A 142 37.84 -1.05 3.65
C ALA A 142 38.69 0.13 4.01
N ASN A 143 39.98 0.05 3.70
CA ASN A 143 40.89 1.15 3.98
C ASN A 143 40.49 2.39 3.29
N HIS A 144 40.07 2.22 2.04
CA HIS A 144 39.62 3.34 1.24
C HIS A 144 38.40 3.98 1.83
N LEU A 145 37.43 3.20 2.27
CA LEU A 145 36.23 3.77 2.84
C LEU A 145 36.57 4.46 4.15
N GLU A 146 37.31 3.79 5.01
CA GLU A 146 37.55 4.32 6.33
C GLU A 146 38.10 5.72 6.25
N GLN A 147 38.96 5.95 5.28
CA GLN A 147 39.68 7.20 5.24
C GLN A 147 38.78 8.29 4.72
N ALA A 148 37.97 7.96 3.73
CA ALA A 148 37.04 8.91 3.16
C ALA A 148 35.99 9.26 4.18
N TRP A 149 35.54 8.26 4.92
CA TRP A 149 34.58 8.47 6.00
C TRP A 149 35.11 9.47 7.02
N ASP A 150 36.38 9.27 7.36
CA ASP A 150 37.16 10.06 8.28
C ASP A 150 37.29 11.52 7.84
N LYS A 151 37.75 11.72 6.61
CA LYS A 151 37.85 13.04 6.03
C LYS A 151 36.49 13.72 5.93
N ALA A 152 35.41 12.97 5.69
CA ALA A 152 34.07 13.56 5.59
C ALA A 152 33.56 14.05 6.93
N ASN A 153 33.94 13.34 8.00
CA ASN A 153 33.61 13.78 9.35
C ASN A 153 34.35 15.08 9.71
N LYS A 154 35.52 15.28 9.08
CA LYS A 154 36.25 16.54 9.21
C LYS A 154 35.77 17.62 8.23
N GLY A 155 34.71 17.35 7.47
CA GLY A 155 34.23 18.31 6.49
C GLY A 155 35.03 18.36 5.20
N ILE A 156 35.85 17.34 4.93
CA ILE A 156 36.49 17.24 3.64
C ILE A 156 35.64 16.35 2.75
N ALA A 157 35.13 16.88 1.64
CA ALA A 157 34.29 16.09 0.73
C ALA A 157 35.07 15.01 -0.04
N PRO A 158 34.40 13.93 -0.46
CA PRO A 158 35.09 12.99 -1.35
C PRO A 158 35.02 13.48 -2.77
N ARG A 159 35.83 12.87 -3.65
CA ARG A 159 35.90 13.23 -5.06
C ARG A 159 34.74 12.58 -5.79
N ASN A 160 34.06 13.34 -6.65
CA ASN A 160 32.88 12.87 -7.34
C ASN A 160 33.29 12.17 -8.64
N ALA A 161 33.88 11.00 -8.47
CA ALA A 161 34.61 10.28 -9.50
C ALA A 161 33.86 9.02 -9.89
N TYR A 162 34.06 8.59 -11.13
CA TYR A 162 33.35 7.46 -11.70
C TYR A 162 34.31 6.66 -12.57
N LYS A 163 34.16 5.34 -12.55
CA LYS A 163 34.78 4.51 -13.56
C LYS A 163 33.82 4.52 -14.74
N LEU A 164 34.26 5.04 -15.89
CA LEU A 164 33.40 5.07 -17.09
C LEU A 164 33.27 3.75 -17.87
N ALA A 165 32.05 3.47 -18.34
CA ALA A 165 31.80 2.39 -19.31
C ALA A 165 30.49 2.58 -20.09
N LEU A 166 30.18 1.61 -20.95
CA LEU A 166 28.96 1.64 -21.73
C LEU A 166 28.03 0.55 -21.21
N LYS A 167 26.73 0.81 -21.17
CA LYS A 167 25.78 -0.25 -20.79
C LYS A 167 25.67 -1.28 -21.91
N ASP A 168 25.96 -2.54 -21.59
CA ASP A 168 25.75 -3.65 -22.50
C ASP A 168 24.34 -4.14 -22.28
N GLU A 169 23.44 -3.89 -23.23
CA GLU A 169 22.02 -4.20 -23.01
C GLU A 169 21.29 -4.37 -24.32
N LEU A 170 20.01 -4.71 -24.27
CA LEU A 170 19.22 -4.71 -25.48
C LEU A 170 18.66 -3.31 -25.74
N ARG A 171 18.82 -2.84 -26.98
CA ARG A 171 18.41 -1.52 -27.41
C ARG A 171 17.62 -1.65 -28.69
N PRO A 172 16.86 -0.62 -29.08
CA PRO A 172 16.21 -0.77 -30.34
C PRO A 172 17.21 -0.70 -31.51
N ILE A 173 16.91 -1.42 -32.58
CA ILE A 173 17.80 -1.57 -33.73
C ILE A 173 18.25 -0.23 -34.38
N GLU A 174 17.31 0.67 -34.67
CA GLU A 174 17.66 1.97 -35.28
C GLU A 174 18.76 2.66 -34.48
N LYS A 175 18.70 2.49 -33.16
CA LYS A 175 19.65 3.14 -32.27
C LYS A 175 21.00 2.46 -32.33
N ASN A 176 21.01 1.13 -32.48
CA ASN A 176 22.24 0.39 -32.74
C ASN A 176 22.86 0.84 -34.05
N LYS A 177 22.10 0.76 -35.15
CA LYS A 177 22.57 1.20 -36.49
C LYS A 177 23.21 2.57 -36.40
N ALA A 178 22.56 3.47 -35.64
CA ALA A 178 23.00 4.84 -35.43
C ALA A 178 24.32 4.93 -34.67
N GLY A 179 24.78 3.81 -34.13
CA GLY A 179 25.97 3.80 -33.27
C GLY A 179 25.81 4.41 -31.88
N LYS A 180 24.57 4.46 -31.38
CA LYS A 180 24.30 4.94 -30.02
C LYS A 180 24.49 3.80 -28.99
N ARG A 181 24.91 4.17 -27.78
CA ARG A 181 24.98 3.25 -26.67
C ARG A 181 24.96 4.12 -25.41
N ARG A 182 24.46 3.58 -24.30
CA ARG A 182 24.32 4.40 -23.11
C ARG A 182 25.58 4.39 -22.26
N LEU A 183 25.84 5.50 -21.56
CA LEU A 183 26.97 5.62 -20.67
C LEU A 183 26.69 5.07 -19.29
N LEU A 184 27.66 4.36 -18.73
CA LEU A 184 27.57 3.87 -17.35
C LEU A 184 28.65 4.50 -16.49
N TRP A 185 28.24 5.28 -15.50
CA TRP A 185 29.17 5.97 -14.63
C TRP A 185 29.29 5.25 -13.30
N GLY A 186 30.23 4.31 -13.22
CA GLY A 186 30.44 3.56 -11.97
C GLY A 186 31.08 4.42 -10.90
N CYS A 187 30.29 4.90 -9.95
CA CYS A 187 30.73 5.88 -8.93
C CYS A 187 31.62 5.30 -7.84
N ASP A 188 32.56 6.12 -7.40
CA ASP A 188 33.51 5.75 -6.39
C ASP A 188 32.81 5.25 -5.14
N ALA A 189 33.20 4.08 -4.64
CA ALA A 189 32.50 3.48 -3.50
C ALA A 189 32.48 4.41 -2.30
N ALA A 190 33.47 5.27 -2.21
CA ALA A 190 33.54 6.13 -1.05
C ALA A 190 32.43 7.13 -1.10
N THR A 191 32.34 7.84 -2.24
CA THR A 191 31.31 8.86 -2.48
C THR A 191 29.94 8.26 -2.32
N THR A 192 29.73 7.06 -2.85
CA THR A 192 28.41 6.45 -2.70
C THR A 192 28.05 6.25 -1.20
N LEU A 193 29.04 5.86 -0.41
CA LEU A 193 28.88 5.67 1.02
C LEU A 193 28.50 6.97 1.71
N ILE A 194 29.28 8.02 1.47
CA ILE A 194 29.03 9.33 2.10
C ILE A 194 27.63 9.85 1.77
N ALA A 195 27.30 9.83 0.48
CA ALA A 195 25.98 10.16 0.04
C ALA A 195 24.89 9.27 0.66
N THR A 196 25.18 7.97 0.74
CA THR A 196 24.21 7.02 1.30
C THR A 196 23.87 7.40 2.73
N ALA A 197 24.88 7.43 3.58
CA ALA A 197 24.69 7.89 4.96
C ALA A 197 23.84 9.17 5.09
N ALA A 198 24.06 10.16 4.23
CA ALA A 198 23.31 11.43 4.28
C ALA A 198 21.85 11.36 3.89
N PHE A 199 21.52 10.72 2.76
CA PHE A 199 20.18 10.91 2.17
C PHE A 199 19.29 9.67 2.22
N LYS A 200 19.91 8.52 2.45
CA LYS A 200 19.17 7.28 2.53
C LYS A 200 17.90 7.35 3.41
N ALA A 201 17.97 7.90 4.65
CA ALA A 201 16.73 8.08 5.43
C ALA A 201 15.68 8.97 4.72
N VAL A 202 16.10 10.08 4.09
CA VAL A 202 15.17 10.89 3.29
C VAL A 202 14.52 10.12 2.12
N ALA A 203 15.36 9.55 1.26
CA ALA A 203 14.87 8.67 0.20
C ALA A 203 13.87 7.63 0.70
N THR A 204 14.16 7.01 1.84
CA THR A 204 13.27 5.99 2.38
C THR A 204 11.85 6.54 2.58
N ARG A 205 11.75 7.70 3.24
CA ARG A 205 10.46 8.30 3.56
C ARG A 205 9.69 8.56 2.29
N LEU A 206 10.39 9.07 1.28
CA LEU A 206 9.76 9.33 -0.02
C LEU A 206 9.23 8.06 -0.69
N GLN A 207 9.96 6.95 -0.55
CA GLN A 207 9.57 5.68 -1.16
C GLN A 207 8.44 5.02 -0.38
N VAL A 208 8.46 5.16 0.93
CA VAL A 208 7.42 4.57 1.75
C VAL A 208 6.04 5.11 1.38
N VAL A 209 6.03 6.28 0.75
CA VAL A 209 4.81 7.10 0.62
C VAL A 209 4.30 7.11 -0.83
N THR A 210 5.12 6.59 -1.71
CA THR A 210 4.84 6.48 -3.13
C THR A 210 3.43 5.91 -3.39
N PRO A 211 2.68 6.49 -4.34
CA PRO A 211 2.95 7.63 -5.23
C PRO A 211 2.44 8.99 -4.73
N MET A 212 2.32 9.17 -3.41
CA MET A 212 1.81 10.43 -2.89
C MET A 212 2.69 11.65 -3.24
N THR A 213 3.96 11.39 -3.54
CA THR A 213 4.91 12.41 -3.93
C THR A 213 5.32 12.14 -5.38
N PRO A 214 5.51 13.19 -6.21
CA PRO A 214 5.92 13.00 -7.61
C PRO A 214 7.22 12.19 -7.78
N VAL A 215 7.88 11.85 -6.69
CA VAL A 215 9.10 11.02 -6.74
C VAL A 215 8.74 9.52 -6.61
N ALA A 216 8.45 8.88 -7.74
CA ALA A 216 7.91 7.54 -7.77
C ALA A 216 8.94 6.42 -7.50
N VAL A 217 10.19 6.75 -7.17
CA VAL A 217 11.23 5.73 -7.13
C VAL A 217 10.79 4.62 -6.21
N GLY A 218 11.01 3.37 -6.65
CA GLY A 218 10.70 2.20 -5.84
C GLY A 218 9.22 1.86 -5.82
N ILE A 219 8.41 2.60 -6.59
CA ILE A 219 7.00 2.30 -6.83
C ILE A 219 6.82 0.85 -7.26
N ASN A 220 5.86 0.16 -6.66
CA ASN A 220 5.50 -1.20 -7.03
C ASN A 220 4.40 -1.21 -8.08
N MET A 221 4.82 -1.30 -9.34
CA MET A 221 3.86 -1.25 -10.46
C MET A 221 2.92 -2.43 -10.51
N ASP A 222 3.05 -3.35 -9.55
CA ASP A 222 2.25 -4.56 -9.55
C ASP A 222 1.52 -4.73 -8.21
N SER A 223 0.88 -3.63 -7.79
CA SER A 223 0.20 -3.53 -6.51
C SER A 223 -0.81 -2.41 -6.57
N VAL A 224 -1.65 -2.39 -5.56
CA VAL A 224 -2.57 -1.31 -5.30
C VAL A 224 -1.84 0.05 -5.39
N GLN A 225 -0.51 0.05 -5.33
CA GLN A 225 0.22 1.30 -5.51
C GLN A 225 -0.05 1.90 -6.87
N MET A 226 -0.11 1.04 -7.87
CA MET A 226 -0.36 1.45 -9.24
C MET A 226 -1.80 2.01 -9.34
N GLN A 227 -2.76 1.30 -8.74
CA GLN A 227 -4.17 1.71 -8.71
C GLN A 227 -4.39 3.12 -8.11
N VAL A 228 -3.71 3.42 -7.01
CA VAL A 228 -3.72 4.74 -6.42
C VAL A 228 -3.23 5.74 -7.43
N MET A 229 -2.13 5.40 -8.13
CA MET A 229 -1.53 6.32 -9.09
C MET A 229 -2.51 6.62 -10.22
N ASN A 230 -3.09 5.57 -10.75
CA ASN A 230 -4.06 5.70 -11.80
C ASN A 230 -5.21 6.58 -11.36
N ASP A 231 -5.72 6.28 -10.18
CA ASP A 231 -6.80 7.02 -9.65
C ASP A 231 -6.50 8.50 -9.62
N SER A 232 -5.23 8.87 -9.44
CA SER A 232 -4.93 10.28 -9.13
C SER A 232 -4.97 11.19 -10.33
N LEU A 233 -5.16 10.60 -11.52
CA LEU A 233 -5.16 11.33 -12.78
C LEU A 233 -6.55 11.83 -13.16
N LYS A 234 -7.55 11.35 -12.44
CA LYS A 234 -8.95 11.73 -12.67
C LYS A 234 -9.15 13.22 -12.57
N GLY A 235 -9.91 13.77 -13.51
CA GLY A 235 -10.28 15.19 -13.47
C GLY A 235 -9.14 16.18 -13.72
N GLY A 236 -8.21 15.80 -14.60
CA GLY A 236 -7.21 16.72 -15.14
C GLY A 236 -6.92 16.36 -16.59
N VAL A 237 -6.20 17.22 -17.30
CA VAL A 237 -5.75 16.85 -18.67
C VAL A 237 -4.43 16.08 -18.65
N LEU A 238 -4.47 14.87 -19.15
CA LEU A 238 -3.36 13.98 -19.01
C LEU A 238 -2.36 14.15 -20.12
N TYR A 239 -1.09 14.32 -19.74
CA TYR A 239 0.02 14.32 -20.68
C TYR A 239 1.03 13.30 -20.15
N CYS A 240 1.42 12.36 -21.00
CA CYS A 240 2.36 11.32 -20.63
C CYS A 240 3.64 11.59 -21.36
N LEU A 241 4.73 11.80 -20.66
CA LEU A 241 5.98 12.06 -21.38
C LEU A 241 7.12 11.14 -21.00
N ASP A 242 8.09 11.06 -21.91
CA ASP A 242 9.33 10.37 -21.71
C ASP A 242 10.41 11.20 -22.39
N TYR A 243 10.95 12.20 -21.70
CA TYR A 243 12.00 13.06 -22.22
C TYR A 243 13.19 12.29 -22.80
N SER A 244 13.87 12.90 -23.78
CA SER A 244 15.03 12.31 -24.44
C SER A 244 16.30 12.70 -23.74
N LYS A 245 17.19 11.73 -23.55
CA LYS A 245 18.49 11.97 -22.96
C LYS A 245 18.37 12.83 -21.68
N TRP A 246 17.39 12.50 -20.85
CA TRP A 246 17.13 13.31 -19.68
C TRP A 246 18.41 13.61 -18.90
N ASP A 247 19.12 12.56 -18.51
CA ASP A 247 20.29 12.70 -17.64
C ASP A 247 21.31 13.65 -18.22
N SER A 248 21.45 13.69 -19.52
CA SER A 248 22.45 14.56 -20.12
C SER A 248 21.98 15.99 -20.27
N THR A 249 20.70 16.20 -19.99
CA THR A 249 20.08 17.51 -20.18
C THR A 249 19.94 18.23 -18.85
N GLN A 250 20.17 17.52 -17.74
CA GLN A 250 20.09 18.17 -16.43
C GLN A 250 21.06 19.36 -16.30
N ASN A 251 20.67 20.38 -15.54
CA ASN A 251 21.52 21.54 -15.34
C ASN A 251 22.13 21.47 -13.96
N PRO A 252 23.45 21.70 -13.84
CA PRO A 252 24.11 21.69 -12.53
C PRO A 252 23.42 22.52 -11.47
N ALA A 253 22.92 23.69 -11.83
CA ALA A 253 22.33 24.51 -10.82
C ALA A 253 21.01 23.92 -10.32
N VAL A 254 20.28 23.22 -11.19
CA VAL A 254 19.09 22.50 -10.72
C VAL A 254 19.41 21.29 -9.78
N THR A 255 20.32 20.41 -10.19
CA THR A 255 20.80 19.34 -9.33
C THR A 255 21.20 19.90 -7.96
N ALA A 256 21.91 21.02 -7.97
CA ALA A 256 22.34 21.70 -6.75
C ALA A 256 21.14 22.09 -5.92
N ALA A 257 20.04 22.49 -6.56
CA ALA A 257 18.80 22.80 -5.83
C ALA A 257 18.17 21.53 -5.25
N SER A 258 18.13 20.46 -6.05
CA SER A 258 17.56 19.26 -5.59
C SER A 258 18.34 18.80 -4.39
N LEU A 259 19.66 18.81 -4.46
CA LEU A 259 20.42 18.32 -3.31
C LEU A 259 20.12 19.17 -2.07
N ALA A 260 19.89 20.46 -2.31
CA ALA A 260 19.64 21.36 -1.23
C ALA A 260 18.29 21.04 -0.57
N ILE A 261 17.31 20.60 -1.38
CA ILE A 261 16.00 20.12 -0.91
C ILE A 261 16.15 18.82 -0.12
N LEU A 262 16.84 17.84 -0.69
CA LEU A 262 17.04 16.60 0.04
C LEU A 262 17.65 16.91 1.40
N GLU A 263 18.51 17.94 1.42
CA GLU A 263 19.26 18.34 2.59
C GLU A 263 18.40 18.90 3.72
N ARG A 264 17.26 19.46 3.36
CA ARG A 264 16.46 20.14 4.34
C ARG A 264 15.68 19.11 5.16
N PHE A 265 15.64 17.86 4.68
CA PHE A 265 14.94 16.81 5.40
C PHE A 265 15.89 15.92 6.18
N ALA A 266 17.17 16.25 6.12
CA ALA A 266 18.21 15.54 6.87
C ALA A 266 18.75 16.49 7.91
N GLU A 267 19.20 15.96 9.04
CA GLU A 267 19.65 16.84 10.09
C GLU A 267 21.08 17.24 9.84
N PRO A 268 21.43 18.49 10.15
CA PRO A 268 22.78 19.00 9.79
C PRO A 268 23.94 18.13 10.30
N HIS A 269 24.94 17.88 9.47
CA HIS A 269 26.07 17.05 9.88
C HIS A 269 27.15 17.18 8.82
N PRO A 270 28.43 17.18 9.23
CA PRO A 270 29.46 17.20 8.21
C PRO A 270 29.19 16.23 7.05
N ILE A 271 28.64 15.07 7.35
CA ILE A 271 28.49 14.05 6.32
C ILE A 271 27.53 14.57 5.26
N VAL A 272 26.47 15.27 5.71
CA VAL A 272 25.53 15.88 4.79
C VAL A 272 26.22 16.91 3.92
N SER A 273 26.94 17.82 4.57
CA SER A 273 27.65 18.85 3.84
C SER A 273 28.54 18.33 2.74
N CYS A 274 29.33 17.27 3.02
CA CYS A 274 30.25 16.71 2.02
C CYS A 274 29.51 15.96 0.93
N ALA A 275 28.41 15.30 1.29
CA ALA A 275 27.53 14.67 0.32
C ALA A 275 27.09 15.69 -0.68
N ILE A 276 26.63 16.85 -0.22
CA ILE A 276 26.23 17.91 -1.17
C ILE A 276 27.42 18.40 -1.95
N GLU A 277 28.46 18.84 -1.26
CA GLU A 277 29.65 19.39 -1.91
C GLU A 277 30.09 18.47 -3.03
N ALA A 278 30.15 17.16 -2.74
CA ALA A 278 30.58 16.17 -3.72
C ALA A 278 29.64 16.09 -4.92
N LEU A 279 28.39 15.70 -4.66
CA LEU A 279 27.47 15.36 -5.74
C LEU A 279 27.06 16.58 -6.59
N SER A 280 27.37 17.78 -6.07
CA SER A 280 26.96 19.01 -6.73
C SER A 280 28.08 19.65 -7.51
N SER A 281 29.31 19.25 -7.29
CA SER A 281 30.41 19.68 -8.17
C SER A 281 30.49 18.80 -9.43
N PRO A 282 31.31 19.20 -10.42
CA PRO A 282 31.46 18.42 -11.65
C PRO A 282 31.87 16.96 -11.46
N ALA A 283 31.30 16.08 -12.27
CA ALA A 283 31.68 14.70 -12.31
C ALA A 283 33.01 14.48 -13.05
N GLU A 284 33.78 13.50 -12.59
CA GLU A 284 35.02 13.13 -13.24
C GLU A 284 34.99 11.64 -13.57
N GLY A 285 34.88 11.33 -14.86
CA GLY A 285 34.84 9.95 -15.31
C GLY A 285 36.22 9.56 -15.76
N TYR A 286 36.71 8.46 -15.26
CA TYR A 286 38.02 7.95 -15.63
C TYR A 286 37.85 6.85 -16.66
N VAL A 287 38.77 6.81 -17.60
CA VAL A 287 38.98 5.64 -18.46
C VAL A 287 40.44 5.67 -18.90
N ASN A 288 41.12 4.52 -18.75
CA ASN A 288 42.57 4.41 -18.95
C ASN A 288 43.26 5.43 -18.08
N ASP A 289 44.15 6.22 -18.66
CA ASP A 289 45.00 7.12 -17.88
C ASP A 289 44.48 8.56 -17.87
N ILE A 290 43.28 8.76 -18.41
CA ILE A 290 42.71 10.11 -18.46
C ILE A 290 41.39 10.21 -17.69
N LYS A 291 41.06 11.43 -17.25
CA LYS A 291 39.74 11.73 -16.71
C LYS A 291 39.00 12.81 -17.50
N PHE A 292 37.68 12.71 -17.48
CA PHE A 292 36.79 13.61 -18.21
C PHE A 292 35.93 14.36 -17.17
N VAL A 293 36.10 15.68 -17.12
CA VAL A 293 35.45 16.48 -16.10
C VAL A 293 34.20 17.10 -16.73
N THR A 294 33.01 16.68 -16.28
CA THR A 294 31.77 17.21 -16.89
C THR A 294 31.57 18.68 -16.59
N ARG A 295 30.82 19.34 -17.49
CA ARG A 295 30.55 20.77 -17.42
C ARG A 295 29.05 20.99 -17.49
N GLY A 296 28.33 19.91 -17.77
CA GLY A 296 26.91 19.91 -17.66
C GLY A 296 26.51 18.46 -17.55
N GLY A 297 25.29 18.20 -17.09
CA GLY A 297 24.70 16.87 -17.06
C GLY A 297 24.84 16.23 -15.69
N LEU A 298 24.01 15.22 -15.45
CA LEU A 298 24.07 14.40 -14.26
C LEU A 298 24.50 13.02 -14.73
N PRO A 299 25.51 12.43 -14.09
CA PRO A 299 25.93 11.08 -14.46
C PRO A 299 24.94 10.02 -13.99
N SER A 300 24.40 9.23 -14.91
CA SER A 300 23.60 8.05 -14.52
C SER A 300 24.54 7.12 -13.77
N GLY A 301 24.18 6.79 -12.54
CA GLY A 301 25.08 6.02 -11.71
C GLY A 301 25.66 6.84 -10.59
N MET A 302 25.35 8.14 -10.51
CA MET A 302 25.60 8.86 -9.24
C MET A 302 24.67 8.33 -8.13
N PRO A 303 25.11 8.42 -6.88
CA PRO A 303 24.21 7.99 -5.81
C PRO A 303 22.87 8.69 -5.88
N PHE A 304 21.81 7.91 -5.73
CA PHE A 304 20.44 8.41 -5.71
C PHE A 304 20.11 9.12 -7.00
N THR A 305 20.67 8.65 -8.10
CA THR A 305 20.38 9.35 -9.33
C THR A 305 18.88 9.42 -9.61
N SER A 306 18.13 8.37 -9.29
CA SER A 306 16.68 8.35 -9.56
C SER A 306 15.87 9.32 -8.73
N VAL A 307 16.12 9.31 -7.43
CA VAL A 307 15.51 10.29 -6.53
C VAL A 307 15.90 11.70 -6.98
N VAL A 308 17.19 11.91 -7.19
CA VAL A 308 17.65 13.25 -7.47
C VAL A 308 17.04 13.75 -8.79
N ASN A 309 17.12 12.91 -9.81
CA ASN A 309 16.45 13.16 -11.08
C ASN A 309 14.98 13.57 -10.99
N SER A 310 14.24 12.88 -10.13
CA SER A 310 12.82 13.16 -10.03
C SER A 310 12.57 14.55 -9.44
N ILE A 311 13.37 14.91 -8.43
CA ILE A 311 13.25 16.24 -7.79
C ILE A 311 13.68 17.36 -8.77
N ASN A 312 14.81 17.16 -9.46
CA ASN A 312 15.11 17.91 -10.68
C ASN A 312 13.88 18.10 -11.58
N HIS A 313 13.18 17.01 -11.88
CA HIS A 313 11.99 17.05 -12.76
C HIS A 313 10.85 17.89 -12.19
N MET A 314 10.47 17.63 -10.95
CA MET A 314 9.57 18.55 -10.23
C MET A 314 10.02 20.02 -10.41
N ILE A 315 11.26 20.32 -10.07
CA ILE A 315 11.73 21.68 -10.15
C ILE A 315 11.45 22.22 -11.55
N TYR A 316 11.83 21.43 -12.57
CA TYR A 316 11.79 21.88 -13.94
C TYR A 316 10.38 22.20 -14.28
N VAL A 317 9.47 21.24 -14.07
CA VAL A 317 8.09 21.43 -14.48
C VAL A 317 7.37 22.52 -13.67
N ALA A 318 7.64 22.64 -12.37
CA ALA A 318 7.09 23.74 -11.62
C ALA A 318 7.55 25.10 -12.20
N ALA A 319 8.86 25.25 -12.44
CA ALA A 319 9.35 26.46 -13.08
C ALA A 319 8.60 26.70 -14.40
N ALA A 320 8.49 25.67 -15.24
CA ALA A 320 7.83 25.79 -16.54
C ALA A 320 6.38 26.31 -16.44
N ILE A 321 5.67 25.84 -15.43
CA ILE A 321 4.28 26.23 -15.26
C ILE A 321 4.23 27.61 -14.66
N LEU A 322 5.19 27.92 -13.81
CA LEU A 322 5.13 29.20 -13.16
C LEU A 322 5.47 30.29 -14.17
N GLN A 323 6.08 29.88 -15.27
CA GLN A 323 6.58 30.84 -16.24
C GLN A 323 5.54 31.13 -17.33
N ALA A 324 4.74 30.13 -17.67
CA ALA A 324 3.69 30.33 -18.65
C ALA A 324 2.59 31.17 -18.06
N TYR A 325 2.33 31.02 -16.76
CA TYR A 325 1.33 31.87 -16.11
C TYR A 325 1.79 33.32 -16.08
N GLU A 326 3.07 33.53 -15.80
CA GLU A 326 3.59 34.89 -15.77
C GLU A 326 3.53 35.62 -17.14
N SER A 327 3.80 34.92 -18.24
CA SER A 327 3.78 35.55 -19.55
C SER A 327 2.38 35.52 -20.18
N HIS A 328 1.35 35.30 -19.38
CA HIS A 328 -0.01 35.54 -19.83
C HIS A 328 -0.65 36.42 -18.77
N ASN A 329 0.22 36.89 -17.87
CA ASN A 329 -0.12 37.87 -16.83
C ASN A 329 -1.26 37.41 -15.91
N VAL A 330 -1.38 36.09 -15.76
CA VAL A 330 -2.26 35.47 -14.78
C VAL A 330 -1.41 35.00 -13.56
N PRO A 331 -1.84 35.34 -12.34
CA PRO A 331 -1.24 34.74 -11.14
C PRO A 331 -1.55 33.24 -11.00
N TYR A 332 -0.64 32.53 -10.31
CA TYR A 332 -0.82 31.12 -9.97
C TYR A 332 -1.10 31.10 -8.49
N THR A 333 -2.28 30.57 -8.16
CA THR A 333 -2.86 30.62 -6.80
C THR A 333 -2.17 29.76 -5.70
N GLY A 334 -2.13 28.43 -5.85
CA GLY A 334 -1.56 27.58 -4.79
C GLY A 334 -0.37 26.73 -5.18
N ASN A 335 -0.26 25.58 -4.54
CA ASN A 335 0.86 24.69 -4.84
C ASN A 335 0.71 23.89 -6.15
N VAL A 336 1.76 23.95 -6.96
CA VAL A 336 1.80 23.32 -8.29
C VAL A 336 1.46 21.84 -8.20
N PHE A 337 1.93 21.20 -7.15
CA PHE A 337 1.72 19.77 -7.01
C PHE A 337 0.38 19.46 -6.34
N GLN A 338 -0.24 20.46 -5.70
CA GLN A 338 -1.65 20.38 -5.27
C GLN A 338 -2.58 20.64 -6.47
N VAL A 339 -2.32 21.73 -7.18
CA VAL A 339 -3.20 22.14 -8.28
C VAL A 339 -3.06 21.15 -9.39
N GLU A 340 -1.85 21.02 -9.92
CA GLU A 340 -1.50 20.00 -10.88
C GLU A 340 -1.28 18.67 -10.16
N THR A 341 -1.31 17.59 -10.91
CA THR A 341 -0.94 16.29 -10.38
C THR A 341 0.23 15.72 -11.18
N ILE A 342 1.37 15.51 -10.50
CA ILE A 342 2.61 15.05 -11.14
C ILE A 342 3.15 13.70 -10.62
N HIS A 343 3.56 12.85 -11.55
CA HIS A 343 4.26 11.61 -11.27
C HIS A 343 5.47 11.54 -12.19
N THR A 344 6.65 11.39 -11.60
CA THR A 344 7.88 11.34 -12.36
C THR A 344 8.78 10.24 -11.85
N TYR A 345 9.54 9.63 -12.76
CA TYR A 345 10.65 8.73 -12.45
C TYR A 345 11.73 9.08 -13.46
N GLY A 346 12.77 9.77 -13.02
CA GLY A 346 13.74 10.35 -13.95
C GLY A 346 13.05 11.19 -15.00
N GLY A 347 13.32 10.88 -16.27
CA GLY A 347 12.73 11.66 -17.37
C GLY A 347 11.41 11.09 -17.84
N GLY A 348 10.92 10.07 -17.15
CA GLY A 348 9.65 9.43 -17.49
C GLY A 348 8.58 10.00 -16.60
N CYS A 349 7.50 10.51 -17.16
CA CYS A 349 6.51 11.19 -16.34
C CYS A 349 5.07 11.14 -16.85
N MET A 350 4.15 11.56 -16.00
CA MET A 350 2.77 11.66 -16.36
C MET A 350 2.40 13.02 -15.77
N TYR A 351 1.88 13.97 -16.54
CA TYR A 351 1.39 15.20 -15.95
C TYR A 351 -0.12 15.20 -16.12
N SER A 352 -0.88 15.32 -15.03
CA SER A 352 -2.33 15.55 -15.13
C SER A 352 -2.66 16.95 -14.62
N VAL A 353 -2.77 17.90 -15.55
CA VAL A 353 -2.86 19.32 -15.22
C VAL A 353 -4.33 19.77 -15.27
N CYS A 354 -4.64 20.89 -14.59
CA CYS A 354 -5.97 21.51 -14.61
C CYS A 354 -6.19 22.30 -15.88
N PRO A 355 -7.44 22.32 -16.37
CA PRO A 355 -7.92 23.09 -17.52
C PRO A 355 -7.21 24.41 -17.68
N ALA A 356 -7.21 25.23 -16.62
CA ALA A 356 -6.40 26.45 -16.57
C ALA A 356 -5.03 26.24 -17.20
N THR A 357 -4.15 25.48 -16.55
CA THR A 357 -2.84 25.12 -17.08
C THR A 357 -2.89 24.51 -18.50
N ALA A 358 -3.69 23.46 -18.67
CA ALA A 358 -3.78 22.71 -19.93
C ALA A 358 -3.99 23.59 -21.18
N SER A 359 -4.66 24.72 -20.98
CA SER A 359 -4.98 25.65 -22.06
C SER A 359 -3.75 26.36 -22.56
N ILE A 360 -2.78 26.58 -21.68
CA ILE A 360 -1.52 27.15 -22.11
C ILE A 360 -0.42 26.09 -22.16
N PHE A 361 -0.81 24.82 -22.18
CA PHE A 361 0.20 23.78 -22.11
C PHE A 361 1.28 23.88 -23.19
N HIS A 362 0.96 24.61 -24.25
CA HIS A 362 1.87 24.82 -25.40
C HIS A 362 3.14 25.59 -25.01
N THR A 363 2.99 26.62 -24.20
CA THR A 363 4.14 27.42 -23.78
C THR A 363 4.89 26.80 -22.59
N VAL A 364 4.22 25.86 -21.90
CA VAL A 364 4.82 25.06 -20.85
C VAL A 364 5.90 24.22 -21.49
N LEU A 365 5.56 23.59 -22.62
CA LEU A 365 6.55 22.84 -23.37
C LEU A 365 7.59 23.82 -23.90
N ALA A 366 7.19 24.82 -24.67
CA ALA A 366 8.17 25.82 -25.07
C ALA A 366 9.12 26.23 -23.91
N ASN A 367 8.60 26.47 -22.70
CA ASN A 367 9.48 26.79 -21.58
C ASN A 367 10.36 25.61 -21.21
N LEU A 368 9.75 24.43 -21.11
CA LEU A 368 10.53 23.23 -20.84
C LEU A 368 11.68 23.01 -21.86
N THR A 369 11.39 23.06 -23.16
CA THR A 369 12.48 22.84 -24.12
C THR A 369 13.54 23.92 -23.98
N SER A 370 13.13 25.15 -23.67
CA SER A 370 14.08 26.26 -23.62
C SER A 370 15.08 26.12 -22.48
N TYR A 371 14.74 25.30 -21.48
CA TYR A 371 15.60 25.08 -20.33
C TYR A 371 16.73 24.16 -20.75
N GLY A 372 16.52 23.46 -21.85
CA GLY A 372 17.48 22.52 -22.35
C GLY A 372 16.97 21.09 -22.37
N LEU A 373 15.69 20.89 -22.06
CA LEU A 373 15.12 19.55 -22.05
C LEU A 373 14.50 19.15 -23.39
N LYS A 374 14.39 17.86 -23.62
CA LYS A 374 13.77 17.36 -24.82
C LYS A 374 12.52 16.52 -24.51
N PRO A 375 11.34 17.16 -24.36
CA PRO A 375 10.16 16.34 -24.14
C PRO A 375 9.66 15.61 -25.39
N THR A 376 9.20 14.37 -25.24
CA THR A 376 8.43 13.57 -26.21
C THR A 376 7.72 12.70 -25.20
N ALA A 377 6.41 12.42 -25.25
CA ALA A 377 5.65 11.81 -26.29
C ALA A 377 5.99 10.35 -26.00
N ALA A 378 5.41 9.79 -24.94
CA ALA A 378 5.61 8.37 -24.67
C ALA A 378 4.76 7.64 -25.67
N ASP A 379 5.26 6.50 -26.13
CA ASP A 379 4.77 5.88 -27.39
C ASP A 379 5.49 6.56 -28.55
N LYS A 380 6.73 6.99 -28.34
CA LYS A 380 7.42 7.88 -29.28
C LYS A 380 6.42 8.36 -30.34
N SER A 381 5.39 9.04 -29.83
CA SER A 381 4.19 9.35 -30.59
C SER A 381 4.40 10.61 -31.42
N ASP A 382 5.65 10.90 -31.77
CA ASP A 382 6.05 11.93 -32.76
C ASP A 382 5.39 13.33 -32.64
N ALA A 383 4.33 13.41 -31.83
CA ALA A 383 3.60 14.66 -31.54
C ALA A 383 2.84 14.48 -30.21
N ILE A 384 3.07 15.37 -29.25
CA ILE A 384 2.57 15.19 -27.89
C ILE A 384 1.20 15.87 -27.61
N LYS A 385 0.20 15.03 -27.35
CA LYS A 385 -1.20 15.48 -27.15
C LYS A 385 -1.73 15.05 -25.77
N PRO A 386 -2.93 15.52 -25.38
CA PRO A 386 -3.58 14.90 -24.25
C PRO A 386 -3.98 13.49 -24.62
N THR A 387 -4.09 12.59 -23.63
CA THR A 387 -4.51 11.23 -23.87
C THR A 387 -5.43 10.73 -22.78
N ASN A 388 -6.01 9.56 -23.03
CA ASN A 388 -6.85 8.83 -22.09
C ASN A 388 -6.18 7.53 -21.62
N THR A 389 -5.03 7.22 -22.20
CA THR A 389 -4.34 5.99 -21.86
C THR A 389 -3.01 6.29 -21.17
N PRO A 390 -3.01 6.24 -19.82
CA PRO A 390 -1.82 6.46 -19.01
C PRO A 390 -0.71 5.48 -19.38
N VAL A 391 0.49 6.00 -19.58
CA VAL A 391 1.64 5.18 -19.96
C VAL A 391 2.82 5.63 -19.11
N PHE A 392 3.46 4.69 -18.44
CA PHE A 392 4.46 5.06 -17.45
C PHE A 392 5.35 3.87 -17.14
N LEU A 393 6.66 4.12 -17.16
CA LEU A 393 7.65 3.10 -16.88
C LEU A 393 7.38 1.85 -17.73
N LYS A 394 7.22 2.09 -19.03
CA LYS A 394 6.89 1.08 -20.03
C LYS A 394 5.63 0.28 -19.68
N ARG A 395 4.71 0.83 -18.88
CA ARG A 395 3.42 0.17 -18.61
C ARG A 395 2.29 0.93 -19.27
N THR A 396 1.22 0.23 -19.65
CA THR A 396 0.01 0.88 -20.18
C THR A 396 -1.12 0.55 -19.25
N PHE A 397 -1.58 1.54 -18.47
CA PHE A 397 -2.74 1.38 -17.56
C PHE A 397 -3.95 0.95 -18.34
N THR A 398 -4.53 -0.17 -17.93
CA THR A 398 -5.57 -0.83 -18.68
C THR A 398 -6.59 -1.45 -17.72
N GLN A 399 -7.88 -1.31 -18.02
CA GLN A 399 -8.90 -2.06 -17.27
C GLN A 399 -8.84 -3.54 -17.70
N THR A 400 -8.91 -4.43 -16.71
CA THR A 400 -8.85 -5.89 -16.94
C THR A 400 -9.91 -6.59 -16.09
N PRO A 401 -10.20 -7.87 -16.37
CA PRO A 401 -11.16 -8.55 -15.52
C PRO A 401 -10.89 -8.43 -14.00
N HIS A 402 -9.65 -8.11 -13.61
CA HIS A 402 -9.26 -7.93 -12.19
C HIS A 402 -9.15 -6.47 -11.74
N GLY A 403 -9.62 -5.54 -12.56
CA GLY A 403 -9.42 -4.14 -12.26
C GLY A 403 -8.22 -3.65 -13.04
N ILE A 404 -7.85 -2.40 -12.79
CA ILE A 404 -6.84 -1.68 -13.54
C ILE A 404 -5.48 -2.37 -13.39
N ARG A 405 -4.77 -2.58 -14.48
CA ARG A 405 -3.44 -3.14 -14.39
C ARG A 405 -2.43 -2.34 -15.22
N ALA A 406 -1.17 -2.30 -14.79
CA ALA A 406 -0.11 -1.70 -15.59
C ALA A 406 0.50 -2.74 -16.52
N LEU A 407 0.10 -2.71 -17.78
CA LEU A 407 0.53 -3.76 -18.70
C LEU A 407 1.95 -3.51 -19.18
N LEU A 408 2.82 -4.48 -18.96
CA LEU A 408 4.16 -4.33 -19.45
C LEU A 408 4.18 -4.47 -20.97
N ASP A 409 4.73 -3.44 -21.60
CA ASP A 409 5.03 -3.41 -23.03
C ASP A 409 5.39 -4.80 -23.58
N ILE A 410 4.63 -5.26 -24.58
CA ILE A 410 4.78 -6.63 -25.07
C ILE A 410 6.16 -6.94 -25.63
N THR A 411 6.78 -5.95 -26.30
CA THR A 411 8.14 -6.15 -26.80
C THR A 411 9.12 -6.43 -25.64
N SER A 412 9.11 -5.56 -24.63
CA SER A 412 9.86 -5.82 -23.41
C SER A 412 9.67 -7.24 -22.94
N ILE A 413 8.46 -7.79 -23.09
CA ILE A 413 8.24 -9.19 -22.70
C ILE A 413 8.82 -10.16 -23.71
N THR A 414 8.30 -10.18 -24.94
CA THR A 414 8.74 -11.22 -25.88
C THR A 414 10.27 -11.32 -26.05
N ARG A 415 11.00 -10.20 -25.96
CA ARG A 415 12.43 -10.18 -26.27
C ARG A 415 13.23 -11.06 -25.35
N GLN A 416 12.67 -11.32 -24.17
CA GLN A 416 13.30 -12.19 -23.18
C GLN A 416 13.39 -13.65 -23.59
N PHE A 417 12.76 -14.00 -24.71
CA PHE A 417 12.75 -15.38 -25.17
C PHE A 417 13.81 -15.56 -26.24
N TYR A 418 13.97 -14.53 -27.06
CA TYR A 418 14.95 -14.55 -28.13
C TYR A 418 16.41 -14.31 -27.71
N TRP A 419 16.65 -13.63 -26.58
CA TRP A 419 18.02 -13.35 -26.10
C TRP A 419 18.26 -13.78 -24.68
N LEU A 420 19.47 -14.25 -24.36
CA LEU A 420 19.85 -14.38 -22.93
C LEU A 420 21.08 -13.58 -22.54
N LYS A 421 21.03 -13.02 -21.33
CA LYS A 421 22.18 -12.37 -20.68
C LYS A 421 22.97 -13.52 -20.08
N ALA A 422 24.28 -13.56 -20.34
CA ALA A 422 25.15 -14.67 -19.89
C ALA A 422 26.65 -14.31 -19.92
N ASN A 423 27.45 -15.11 -20.60
CA ASN A 423 28.89 -14.91 -20.67
C ASN A 423 29.35 -14.00 -21.81
N ARG A 424 30.07 -12.94 -21.47
CA ARG A 424 30.74 -12.08 -22.46
C ARG A 424 31.45 -12.84 -23.59
N THR A 425 31.26 -12.35 -24.80
CA THR A 425 31.71 -13.02 -26.01
C THR A 425 31.63 -12.01 -27.17
N SER A 426 32.24 -12.31 -28.30
CA SER A 426 32.09 -11.46 -29.49
C SER A 426 31.06 -12.03 -30.44
N ASP A 427 30.27 -12.99 -29.99
CA ASP A 427 29.46 -13.71 -30.91
C ASP A 427 28.08 -14.04 -30.32
N PRO A 428 27.12 -13.12 -30.49
CA PRO A 428 25.80 -13.35 -29.97
C PRO A 428 25.14 -14.61 -30.53
N SER A 429 25.81 -15.31 -31.44
CA SER A 429 25.26 -16.55 -32.01
C SER A 429 25.84 -17.83 -31.42
N SER A 430 26.85 -17.71 -30.55
CA SER A 430 27.50 -18.86 -29.90
C SER A 430 26.63 -19.46 -28.79
N PRO A 431 26.91 -20.73 -28.38
CA PRO A 431 26.18 -21.35 -27.24
C PRO A 431 26.46 -20.64 -25.91
N PRO A 432 25.40 -20.18 -25.25
CA PRO A 432 25.54 -19.48 -23.97
C PRO A 432 25.72 -20.39 -22.74
N ALA A 433 26.68 -20.08 -21.89
CA ALA A 433 26.76 -20.74 -20.59
C ALA A 433 25.66 -20.14 -19.74
N PHE A 434 24.70 -20.95 -19.28
CA PHE A 434 23.64 -20.39 -18.42
C PHE A 434 23.02 -21.34 -17.39
N ASP A 435 22.47 -20.75 -16.33
CA ASP A 435 21.89 -21.49 -15.25
C ASP A 435 20.46 -21.87 -15.60
N ARG A 436 20.24 -23.13 -15.97
CA ARG A 436 18.91 -23.55 -16.40
C ARG A 436 17.82 -23.24 -15.38
N GLN A 437 18.11 -23.46 -14.10
CA GLN A 437 17.16 -23.10 -13.01
C GLN A 437 16.66 -21.65 -13.12
N ALA A 438 17.59 -20.70 -13.23
CA ALA A 438 17.29 -19.26 -13.26
C ALA A 438 16.62 -18.81 -14.56
N ARG A 439 17.11 -19.25 -15.70
CA ARG A 439 16.43 -18.96 -16.95
C ARG A 439 14.95 -19.34 -16.85
N SER A 440 14.67 -20.57 -16.43
CA SER A 440 13.28 -21.04 -16.20
C SER A 440 12.44 -20.02 -15.44
N ALA A 441 12.99 -19.50 -14.35
CA ALA A 441 12.28 -18.59 -13.46
C ALA A 441 12.06 -17.29 -14.20
N GLN A 442 13.11 -16.82 -14.87
CA GLN A 442 13.01 -15.60 -15.64
C GLN A 442 11.81 -15.65 -16.59
N LEU A 443 11.69 -16.74 -17.34
CA LEU A 443 10.58 -16.89 -18.28
C LEU A 443 9.22 -17.18 -17.61
N GLU A 444 9.21 -17.85 -16.45
CA GLU A 444 7.96 -17.96 -15.67
C GLU A 444 7.46 -16.55 -15.29
N ASN A 445 8.38 -15.66 -14.94
CA ASN A 445 8.00 -14.28 -14.63
C ASN A 445 7.36 -13.61 -15.83
N ALA A 446 7.95 -13.83 -16.99
CA ALA A 446 7.55 -13.12 -18.18
C ALA A 446 6.11 -13.49 -18.52
N LEU A 447 5.81 -14.76 -18.27
CA LEU A 447 4.51 -15.32 -18.61
C LEU A 447 3.45 -14.78 -17.70
N ALA A 448 3.75 -14.75 -16.41
CA ALA A 448 2.86 -14.14 -15.42
C ALA A 448 2.51 -12.72 -15.82
N TYR A 449 3.45 -12.06 -16.48
CA TYR A 449 3.28 -10.67 -16.87
C TYR A 449 2.43 -10.53 -18.12
N ALA A 450 2.56 -11.51 -19.00
CA ALA A 450 1.91 -11.46 -20.29
C ALA A 450 0.47 -11.79 -20.06
N SER A 451 0.22 -12.63 -19.05
CA SER A 451 -1.13 -13.07 -18.66
C SER A 451 -2.10 -11.91 -18.51
N GLN A 452 -1.64 -10.85 -17.85
CA GLN A 452 -2.41 -9.61 -17.72
C GLN A 452 -2.86 -8.95 -19.05
N HIS A 453 -2.27 -9.36 -20.17
CA HIS A 453 -2.66 -8.77 -21.47
C HIS A 453 -3.96 -9.34 -22.08
N GLY A 454 -4.52 -10.39 -21.50
CA GLY A 454 -5.73 -10.96 -22.07
C GLY A 454 -5.39 -11.97 -23.16
N PRO A 455 -6.27 -12.99 -23.35
CA PRO A 455 -5.89 -14.27 -23.99
C PRO A 455 -5.44 -14.25 -25.46
N VAL A 456 -5.72 -13.16 -26.16
CA VAL A 456 -5.18 -13.03 -27.51
C VAL A 456 -3.66 -12.84 -27.45
N MET A 457 -3.17 -11.79 -26.78
CA MET A 457 -1.71 -11.56 -26.74
C MET A 457 -0.97 -12.61 -25.90
N PHE A 458 -1.63 -13.15 -24.89
CA PHE A 458 -1.02 -14.25 -24.13
C PHE A 458 -0.71 -15.45 -25.00
N ASP A 459 -1.61 -15.76 -25.93
CA ASP A 459 -1.38 -16.88 -26.80
C ASP A 459 -0.11 -16.64 -27.61
N THR A 460 0.03 -15.47 -28.22
CA THR A 460 1.28 -15.11 -28.91
C THR A 460 2.50 -15.52 -28.08
N VAL A 461 2.44 -15.23 -26.79
CA VAL A 461 3.58 -15.51 -25.93
C VAL A 461 3.72 -17.01 -25.66
N ARG A 462 2.65 -17.66 -25.21
CA ARG A 462 2.68 -19.11 -25.02
C ARG A 462 3.33 -19.84 -26.20
N GLN A 463 2.91 -19.47 -27.42
CA GLN A 463 3.48 -20.03 -28.63
C GLN A 463 5.00 -19.93 -28.60
N ILE A 464 5.49 -18.69 -28.41
CA ILE A 464 6.92 -18.41 -28.32
C ILE A 464 7.58 -19.16 -27.15
N ALA A 465 6.91 -19.14 -26.00
CA ALA A 465 7.40 -19.83 -24.83
C ALA A 465 7.59 -21.33 -25.09
N ILE A 466 6.53 -22.05 -25.48
CA ILE A 466 6.62 -23.51 -25.70
C ILE A 466 7.84 -23.87 -26.55
N LYS A 467 8.04 -23.11 -27.63
CA LYS A 467 9.11 -23.34 -28.59
C LYS A 467 10.49 -23.14 -27.93
N THR A 468 10.60 -22.11 -27.08
CA THR A 468 11.84 -21.81 -26.37
C THR A 468 12.15 -22.89 -25.33
N ALA A 469 11.13 -23.29 -24.58
CA ALA A 469 11.26 -24.27 -23.50
C ALA A 469 11.90 -25.56 -24.01
N GLN A 470 11.43 -25.99 -25.19
CA GLN A 470 12.03 -27.09 -25.92
C GLN A 470 13.48 -26.78 -26.22
N GLY A 471 13.72 -25.82 -27.11
CA GLY A 471 15.08 -25.46 -27.51
C GLY A 471 16.12 -25.28 -26.40
N GLU A 472 15.69 -24.82 -25.24
CA GLU A 472 16.62 -24.56 -24.13
C GLU A 472 16.59 -25.67 -23.06
N GLY A 473 15.75 -26.67 -23.28
CA GLY A 473 15.63 -27.76 -22.33
C GLY A 473 15.20 -27.26 -20.97
N LEU A 474 14.05 -26.57 -20.93
CA LEU A 474 13.46 -26.08 -19.68
C LEU A 474 12.03 -26.54 -19.64
N VAL A 475 11.57 -26.90 -18.45
CA VAL A 475 10.16 -27.18 -18.24
C VAL A 475 9.56 -25.91 -17.60
N LEU A 476 8.53 -25.36 -18.23
CA LEU A 476 7.83 -24.19 -17.70
C LEU A 476 6.47 -24.58 -17.17
N VAL A 477 5.97 -23.83 -16.20
CA VAL A 477 4.64 -24.10 -15.65
C VAL A 477 3.67 -23.04 -16.17
N ASN A 478 4.01 -21.78 -15.92
CA ASN A 478 3.20 -20.64 -16.32
C ASN A 478 2.99 -20.56 -17.82
N THR A 479 3.36 -21.64 -18.51
CA THR A 479 3.05 -21.82 -19.91
C THR A 479 1.56 -22.18 -20.01
N ASN A 480 1.02 -22.68 -18.90
CA ASN A 480 -0.42 -22.82 -18.75
C ASN A 480 -1.05 -21.49 -18.32
N TYR A 481 -1.95 -20.98 -19.16
CA TYR A 481 -2.61 -19.70 -18.91
C TYR A 481 -3.27 -19.46 -17.53
N ASP A 482 -3.90 -20.48 -16.96
CA ASP A 482 -4.45 -20.35 -15.62
C ASP A 482 -3.34 -20.17 -14.60
N GLN A 483 -2.25 -20.91 -14.82
CA GLN A 483 -1.05 -20.79 -13.99
C GLN A 483 -0.48 -19.37 -14.01
N ALA A 484 -0.20 -18.84 -15.19
CA ALA A 484 0.25 -17.45 -15.35
C ALA A 484 -0.56 -16.47 -14.51
N LEU A 485 -1.88 -16.49 -14.67
CA LEU A 485 -2.76 -15.63 -13.87
C LEU A 485 -2.54 -15.70 -12.35
N ALA A 486 -2.50 -16.91 -11.79
CA ALA A 486 -2.46 -17.03 -10.32
C ALA A 486 -1.16 -16.51 -9.73
N THR A 487 -0.06 -16.76 -10.43
CA THR A 487 1.23 -16.31 -9.93
C THR A 487 1.23 -14.78 -9.96
N TYR A 488 0.72 -14.20 -11.06
CA TYR A 488 0.63 -12.75 -11.13
C TYR A 488 -0.19 -12.19 -10.00
N ASN A 489 -1.31 -12.84 -9.75
CA ASN A 489 -2.19 -12.43 -8.70
C ASN A 489 -1.58 -12.50 -7.31
N ALA A 490 -0.76 -13.52 -7.05
CA ALA A 490 -0.14 -13.62 -5.75
C ALA A 490 0.87 -12.48 -5.58
N TRP A 491 1.52 -12.07 -6.67
CA TRP A 491 2.38 -10.90 -6.64
C TRP A 491 1.58 -9.71 -6.15
N PHE A 492 0.37 -9.58 -6.68
CA PHE A 492 -0.48 -8.46 -6.39
C PHE A 492 -0.89 -8.36 -4.94
N ILE A 493 -1.27 -9.48 -4.32
CA ILE A 493 -1.98 -9.39 -3.05
C ILE A 493 -1.26 -9.33 -1.66
N GLY A 494 0.03 -9.67 -1.52
CA GLY A 494 1.09 -9.53 -2.50
C GLY A 494 1.85 -8.28 -2.10
N GLY A 495 1.41 -7.14 -2.62
CA GLY A 495 2.07 -5.85 -2.41
C GLY A 495 1.31 -4.93 -1.49
N THR A 496 0.61 -5.53 -0.53
CA THR A 496 -0.21 -4.83 0.44
C THR A 496 -0.01 -5.47 1.80
N VAL A 497 0.14 -4.67 2.85
CA VAL A 497 0.13 -5.26 4.18
C VAL A 497 -1.21 -5.00 4.91
N PRO A 498 -1.97 -6.08 5.17
CA PRO A 498 -3.36 -6.08 5.65
C PRO A 498 -3.51 -5.83 7.17
N ASP A 499 -4.47 -6.53 7.81
CA ASP A 499 -4.84 -6.40 9.25
C ASP A 499 -3.95 -5.42 10.03
N PRO A 500 -4.53 -4.45 10.76
CA PRO A 500 -3.77 -3.33 11.43
C PRO A 500 -2.57 -3.74 12.30
N VAL A 501 -1.34 -3.39 11.85
CA VAL A 501 -0.08 -3.87 12.49
C VAL A 501 0.33 -3.00 13.68
N GLY A 502 0.76 -3.66 14.76
CA GLY A 502 1.13 -2.97 15.99
C GLY A 502 1.45 -3.98 17.08
N ASP B 1 -45.55 -24.21 19.89
CA ASP B 1 -44.08 -24.29 20.15
C ASP B 1 -43.47 -22.96 20.64
N GLU B 2 -44.06 -21.84 20.21
CA GLU B 2 -43.48 -20.51 20.40
C GLU B 2 -44.01 -19.73 21.63
N PHE B 3 -43.26 -19.74 22.73
CA PHE B 3 -43.71 -19.04 23.95
C PHE B 3 -43.01 -17.70 24.18
N GLN B 4 -43.32 -17.06 25.32
CA GLN B 4 -42.76 -15.76 25.68
C GLN B 4 -41.74 -15.93 26.80
N TRP B 5 -40.99 -14.86 27.11
CA TRP B 5 -39.89 -14.91 28.10
C TRP B 5 -39.27 -13.51 28.32
N LYS B 6 -39.64 -12.88 29.42
CA LYS B 6 -39.42 -11.44 29.59
C LYS B 6 -39.47 -10.69 28.27
N GLY B 7 -40.63 -10.78 27.60
CA GLY B 7 -40.90 -10.07 26.35
C GLY B 7 -40.30 -10.70 25.10
N LEU B 8 -39.65 -11.85 25.24
CA LEU B 8 -38.93 -12.47 24.12
C LEU B 8 -39.64 -13.66 23.51
N PRO B 9 -39.85 -13.61 22.17
CA PRO B 9 -40.38 -14.71 21.36
C PRO B 9 -39.33 -15.78 21.14
N VAL B 10 -39.53 -16.92 21.78
CA VAL B 10 -38.48 -17.95 21.89
C VAL B 10 -39.06 -19.37 21.74
N VAL B 11 -38.25 -20.35 21.35
CA VAL B 11 -38.75 -21.69 21.08
C VAL B 11 -37.78 -22.80 21.48
N LYS B 12 -38.28 -23.82 22.19
CA LYS B 12 -37.43 -24.94 22.61
C LYS B 12 -36.56 -25.43 21.46
N SER B 13 -35.25 -25.45 21.69
CA SER B 13 -34.26 -25.81 20.68
C SER B 13 -34.10 -27.32 20.53
N GLY B 14 -34.71 -28.08 21.44
CA GLY B 14 -34.48 -29.50 21.53
C GLY B 14 -33.22 -29.70 22.33
N LEU B 15 -32.08 -29.65 21.63
CA LEU B 15 -30.72 -29.74 22.20
C LEU B 15 -30.37 -28.75 23.36
N ASP B 16 -29.53 -29.21 24.28
CA ASP B 16 -29.00 -28.32 25.30
C ASP B 16 -27.66 -27.80 24.80
N VAL B 17 -27.28 -26.62 25.30
CA VAL B 17 -26.04 -25.95 24.93
C VAL B 17 -25.35 -25.41 26.19
N GLY B 18 -26.11 -25.36 27.27
CA GLY B 18 -25.60 -24.89 28.54
C GLY B 18 -25.49 -23.40 28.50
N GLY B 19 -25.47 -22.78 29.68
CA GLY B 19 -25.36 -21.33 29.80
C GLY B 19 -24.07 -20.79 29.23
N MET B 20 -23.99 -19.47 29.13
CA MET B 20 -22.81 -18.80 28.60
C MET B 20 -21.81 -18.46 29.71
N PRO B 21 -20.48 -18.49 29.42
CA PRO B 21 -19.35 -18.07 30.29
C PRO B 21 -19.60 -17.17 31.52
N THR B 22 -19.18 -17.69 32.67
CA THR B 22 -19.23 -16.99 33.97
C THR B 22 -18.14 -15.90 34.13
N GLY B 23 -18.56 -14.66 34.38
CA GLY B 23 -17.64 -13.61 34.88
C GLY B 23 -17.01 -12.61 33.92
N THR B 24 -16.00 -11.86 34.39
CA THR B 24 -15.17 -10.99 33.50
C THR B 24 -13.68 -11.31 33.60
N ARG B 25 -12.93 -11.02 32.53
CA ARG B 25 -11.47 -11.20 32.55
C ARG B 25 -10.74 -9.91 32.92
N TYR B 26 -11.48 -8.81 33.02
CA TYR B 26 -10.90 -7.53 33.37
C TYR B 26 -10.75 -7.32 34.87
N HIS B 27 -9.52 -7.06 35.28
CA HIS B 27 -9.24 -6.56 36.63
C HIS B 27 -8.72 -5.12 36.53
N ARG B 28 -8.95 -4.32 37.56
CA ARG B 28 -8.35 -2.99 37.61
C ARG B 28 -6.87 -3.08 38.06
N SER B 29 -5.98 -2.52 37.24
CA SER B 29 -4.54 -2.44 37.53
C SER B 29 -4.17 -2.02 38.96
N PRO B 30 -3.37 -2.85 39.66
CA PRO B 30 -2.86 -2.59 41.02
C PRO B 30 -2.26 -1.20 41.25
N ALA B 31 -1.96 -0.47 40.18
CA ALA B 31 -1.33 0.85 40.33
C ALA B 31 -2.37 1.94 40.27
N TRP B 32 -3.62 1.54 40.06
CA TRP B 32 -4.70 2.49 39.90
C TRP B 32 -5.99 2.13 40.69
N PRO B 33 -5.89 1.94 42.03
CA PRO B 33 -7.10 1.61 42.79
C PRO B 33 -8.19 2.66 42.66
N GLU B 34 -7.81 3.94 42.66
CA GLU B 34 -8.76 5.07 42.58
C GLU B 34 -9.05 5.50 41.14
N GLU B 35 -10.33 5.72 40.84
CA GLU B 35 -10.78 6.27 39.53
C GLU B 35 -9.97 7.50 39.10
N GLN B 36 -9.79 7.70 37.79
CA GLN B 36 -8.88 8.71 37.25
C GLN B 36 -9.57 9.80 36.44
N PRO B 37 -8.98 11.02 36.38
CA PRO B 37 -9.63 12.15 35.72
C PRO B 37 -9.92 11.88 34.25
N GLY B 38 -11.21 11.88 33.91
CA GLY B 38 -11.69 11.66 32.55
C GLY B 38 -11.83 10.22 32.12
N GLU B 39 -11.92 9.29 33.09
CA GLU B 39 -12.16 7.85 32.80
C GLU B 39 -13.61 7.68 32.41
N THR B 40 -13.82 7.20 31.19
CA THR B 40 -15.15 7.06 30.62
C THR B 40 -15.72 5.64 30.69
N HIS B 41 -14.89 4.64 30.40
CA HIS B 41 -15.35 3.25 30.29
C HIS B 41 -15.16 2.46 31.60
N ALA B 42 -15.67 1.24 31.62
CA ALA B 42 -15.42 0.26 32.67
C ALA B 42 -16.01 -1.05 32.14
N PRO B 43 -15.66 -2.21 32.75
CA PRO B 43 -16.07 -3.53 32.20
C PRO B 43 -17.57 -3.77 32.21
N ALA B 44 -18.06 -4.42 31.16
CA ALA B 44 -19.48 -4.67 30.92
C ALA B 44 -20.14 -5.39 32.10
N PRO B 45 -21.41 -5.05 32.40
CA PRO B 45 -22.16 -5.74 33.46
C PRO B 45 -22.27 -7.22 33.16
N PHE B 46 -22.00 -8.08 34.13
CA PHE B 46 -21.89 -9.52 33.86
C PHE B 46 -22.68 -10.43 34.82
N GLY B 47 -23.48 -9.79 35.68
CA GLY B 47 -24.42 -10.50 36.55
C GLY B 47 -23.85 -11.41 37.63
N SER B 48 -24.09 -12.72 37.44
CA SER B 48 -23.67 -13.79 38.37
C SER B 48 -22.19 -13.61 38.75
N GLY B 49 -21.98 -13.06 39.95
CA GLY B 49 -20.68 -12.60 40.42
C GLY B 49 -20.74 -11.11 40.75
N ASP B 50 -20.92 -10.31 39.70
CA ASP B 50 -20.83 -8.84 39.75
C ASP B 50 -21.55 -8.19 40.94
N LYS B 51 -20.77 -7.89 41.97
CA LYS B 51 -21.24 -7.17 43.16
C LYS B 51 -21.54 -5.70 42.86
N ARG B 52 -21.04 -5.21 41.72
CA ARG B 52 -21.28 -3.83 41.25
C ARG B 52 -22.75 -3.61 40.83
N TYR B 53 -23.25 -4.49 39.97
CA TYR B 53 -24.56 -4.34 39.33
C TYR B 53 -25.49 -5.50 39.61
N THR B 54 -26.78 -5.18 39.66
CA THR B 54 -27.79 -6.13 40.07
C THR B 54 -28.58 -6.68 38.85
N PHE B 55 -27.94 -6.65 37.68
CA PHE B 55 -28.43 -7.31 36.47
C PHE B 55 -28.01 -8.78 36.47
N SER B 56 -28.82 -9.64 35.87
CA SER B 56 -28.46 -11.05 35.78
C SER B 56 -27.81 -11.38 34.45
N GLN B 57 -27.14 -12.52 34.41
CA GLN B 57 -26.59 -13.08 33.18
C GLN B 57 -27.66 -13.06 32.08
N THR B 58 -28.81 -13.69 32.36
CA THR B 58 -29.89 -13.82 31.36
C THR B 58 -30.77 -12.55 31.26
N GLU B 59 -30.60 -11.63 32.20
CA GLU B 59 -31.24 -10.32 32.11
C GLU B 59 -30.84 -9.60 30.83
N MET B 60 -29.57 -9.21 30.71
CA MET B 60 -29.14 -8.38 29.56
C MET B 60 -28.87 -9.09 28.23
N LEU B 61 -29.01 -10.42 28.22
CA LEU B 61 -29.08 -11.15 26.96
C LEU B 61 -30.37 -10.75 26.28
N VAL B 62 -31.36 -10.38 27.09
CA VAL B 62 -32.62 -9.84 26.65
C VAL B 62 -32.45 -8.39 26.22
N ASN B 63 -31.65 -7.63 26.93
CA ASN B 63 -31.41 -6.25 26.56
C ASN B 63 -30.61 -6.07 25.27
N GLY B 64 -29.81 -7.08 24.95
CA GLY B 64 -29.14 -7.14 23.66
C GLY B 64 -30.07 -7.63 22.55
N LEU B 65 -30.87 -8.65 22.86
CA LEU B 65 -31.78 -9.24 21.87
C LEU B 65 -32.99 -8.38 21.54
N LYS B 66 -33.26 -7.39 22.38
CA LYS B 66 -34.52 -6.63 22.31
C LYS B 66 -34.82 -6.04 20.92
N PRO B 67 -33.82 -5.36 20.30
CA PRO B 67 -34.01 -4.82 18.96
C PRO B 67 -34.43 -5.85 17.91
N TYR B 68 -33.76 -6.99 17.89
CA TYR B 68 -33.90 -7.99 16.80
C TYR B 68 -35.29 -8.62 16.65
N THR B 69 -36.21 -8.18 17.49
CA THR B 69 -37.58 -8.65 17.43
C THR B 69 -38.38 -7.76 16.50
N GLU B 70 -38.22 -6.44 16.68
CA GLU B 70 -38.85 -5.36 15.88
C GLU B 70 -38.13 -5.06 14.53
N PRO B 71 -38.66 -5.57 13.39
CA PRO B 71 -37.92 -5.38 12.11
C PRO B 71 -37.91 -3.91 11.74
N THR B 72 -36.92 -3.54 10.96
CA THR B 72 -36.64 -2.14 10.68
C THR B 72 -37.34 -1.74 9.38
N ALA B 73 -37.66 -0.45 9.21
CA ALA B 73 -38.34 0.06 8.00
C ALA B 73 -37.60 -0.26 6.70
N GLY B 74 -36.27 -0.16 6.72
CA GLY B 74 -35.46 -0.57 5.59
C GLY B 74 -35.49 0.38 4.41
N VAL B 75 -35.05 -0.09 3.25
CA VAL B 75 -35.04 0.75 2.09
C VAL B 75 -36.16 0.28 1.17
N PRO B 76 -36.98 1.23 0.68
CA PRO B 76 -38.05 0.75 -0.19
C PRO B 76 -37.44 0.10 -1.43
N PRO B 77 -37.99 -1.05 -1.86
CA PRO B 77 -37.51 -1.88 -2.97
C PRO B 77 -37.00 -1.14 -4.22
N GLN B 78 -37.72 -0.10 -4.62
CA GLN B 78 -37.42 0.62 -5.85
C GLN B 78 -36.14 1.42 -5.70
N LEU B 79 -35.98 2.04 -4.52
CA LEU B 79 -34.76 2.76 -4.18
C LEU B 79 -33.64 1.74 -3.98
N LEU B 80 -33.97 0.69 -3.25
CA LEU B 80 -33.01 -0.34 -2.95
C LEU B 80 -32.38 -0.78 -4.22
N SER B 81 -33.17 -1.24 -5.17
CA SER B 81 -32.58 -1.83 -6.36
C SER B 81 -31.65 -0.83 -7.01
N ARG B 82 -32.03 0.45 -7.00
CA ARG B 82 -31.23 1.46 -7.69
C ARG B 82 -29.90 1.61 -6.98
N ALA B 83 -29.96 1.92 -5.67
CA ALA B 83 -28.77 1.96 -4.82
C ALA B 83 -27.85 0.75 -5.04
N VAL B 84 -28.41 -0.46 -5.13
CA VAL B 84 -27.62 -1.65 -5.44
C VAL B 84 -26.82 -1.38 -6.70
N THR B 85 -27.51 -1.06 -7.81
CA THR B 85 -26.79 -0.88 -9.08
C THR B 85 -25.63 0.11 -8.94
N HIS B 86 -25.80 1.19 -8.19
CA HIS B 86 -24.68 2.11 -7.97
C HIS B 86 -23.55 1.38 -7.24
N VAL B 87 -23.86 0.71 -6.13
CA VAL B 87 -22.85 -0.02 -5.33
C VAL B 87 -22.15 -1.05 -6.23
N ARG B 88 -22.93 -1.97 -6.82
CA ARG B 88 -22.38 -3.08 -7.62
C ARG B 88 -21.43 -2.58 -8.70
N SER B 89 -21.89 -1.62 -9.49
CA SER B 89 -21.14 -1.20 -10.65
C SER B 89 -19.89 -0.43 -10.24
N TYR B 90 -19.89 0.16 -9.06
CA TYR B 90 -18.71 0.86 -8.65
C TYR B 90 -17.63 -0.12 -8.21
N ILE B 91 -18.00 -1.11 -7.39
CA ILE B 91 -16.97 -2.06 -6.98
C ILE B 91 -16.48 -2.93 -8.17
N GLU B 92 -17.27 -2.99 -9.24
CA GLU B 92 -16.83 -3.62 -10.47
C GLU B 92 -15.68 -2.87 -11.08
N THR B 93 -15.73 -1.54 -11.07
CA THR B 93 -14.65 -0.79 -11.73
C THR B 93 -13.34 -0.85 -10.97
N ILE B 94 -13.36 -1.02 -9.64
CA ILE B 94 -12.07 -1.10 -8.99
C ILE B 94 -11.60 -2.52 -8.66
N ILE B 95 -12.51 -3.51 -8.67
CA ILE B 95 -12.06 -4.91 -8.56
C ILE B 95 -12.29 -5.81 -9.81
N GLY B 96 -12.82 -5.22 -10.88
CA GLY B 96 -13.01 -5.92 -12.15
C GLY B 96 -14.17 -6.89 -12.11
N THR B 97 -14.50 -7.42 -13.29
CA THR B 97 -15.72 -8.21 -13.50
C THR B 97 -15.52 -9.69 -13.23
N HIS B 98 -14.27 -10.12 -13.12
CA HIS B 98 -13.88 -11.54 -12.91
C HIS B 98 -14.70 -12.24 -11.84
N ARG B 99 -14.93 -13.54 -11.99
CA ARG B 99 -15.65 -14.28 -10.93
C ARG B 99 -14.76 -15.27 -10.16
N SER B 100 -14.60 -15.06 -8.86
CA SER B 100 -13.67 -15.86 -8.05
C SER B 100 -14.15 -17.28 -7.75
N PRO B 101 -13.29 -18.29 -8.01
CA PRO B 101 -13.62 -19.69 -7.76
C PRO B 101 -13.68 -20.00 -6.27
N VAL B 102 -14.56 -20.93 -5.91
CA VAL B 102 -14.80 -21.34 -4.51
C VAL B 102 -13.62 -22.09 -3.88
N LEU B 103 -13.50 -21.98 -2.56
CA LEU B 103 -12.39 -22.60 -1.84
C LEU B 103 -12.51 -24.12 -1.73
N THR B 104 -11.37 -24.82 -1.77
CA THR B 104 -11.36 -26.28 -1.61
C THR B 104 -11.43 -26.57 -0.12
N TYR B 105 -12.07 -27.69 0.20
CA TYR B 105 -12.36 -28.08 1.59
C TYR B 105 -11.26 -27.70 2.57
N HIS B 106 -10.01 -27.94 2.19
CA HIS B 106 -8.89 -27.72 3.10
C HIS B 106 -8.47 -26.27 3.29
N GLN B 107 -8.61 -25.48 2.22
CA GLN B 107 -8.33 -24.03 2.30
C GLN B 107 -9.39 -23.42 3.17
N ALA B 108 -10.64 -23.85 2.94
CA ALA B 108 -11.75 -23.46 3.77
C ALA B 108 -11.41 -23.69 5.24
N CYS B 109 -11.06 -24.94 5.57
CA CYS B 109 -10.76 -25.35 6.95
C CYS B 109 -9.60 -24.59 7.58
N GLU B 110 -8.57 -24.36 6.78
CA GLU B 110 -7.36 -23.69 7.20
C GLU B 110 -7.62 -22.31 7.78
N LEU B 111 -8.59 -21.59 7.22
CA LEU B 111 -8.88 -20.21 7.64
C LEU B 111 -9.87 -20.11 8.82
N LEU B 112 -10.50 -21.23 9.18
CA LEU B 112 -11.37 -21.27 10.35
C LEU B 112 -10.60 -20.89 11.61
N GLU B 113 -11.13 -19.91 12.34
CA GLU B 113 -10.47 -19.35 13.52
C GLU B 113 -10.32 -20.36 14.66
N ARG B 114 -9.08 -20.58 15.11
CA ARG B 114 -8.76 -21.67 16.07
C ARG B 114 -8.96 -21.36 17.58
N THR B 115 -8.80 -20.09 17.97
CA THR B 115 -9.12 -19.61 19.34
C THR B 115 -10.62 -19.71 19.70
N THR B 116 -11.47 -20.00 18.71
CA THR B 116 -12.86 -19.53 18.78
C THR B 116 -13.98 -20.58 18.90
N SER B 117 -14.95 -20.27 19.76
CA SER B 117 -16.20 -21.07 19.95
C SER B 117 -16.59 -21.94 18.74
N CYS B 118 -17.17 -23.10 19.01
CA CYS B 118 -17.33 -24.12 17.95
C CYS B 118 -18.62 -24.06 17.14
N GLY B 119 -19.49 -23.14 17.52
CA GLY B 119 -20.85 -23.15 17.06
C GLY B 119 -21.71 -23.62 18.21
N PRO B 120 -23.00 -23.91 17.96
CA PRO B 120 -23.88 -24.35 19.02
C PRO B 120 -24.24 -25.84 18.97
N PHE B 121 -23.85 -26.56 17.90
CA PHE B 121 -24.08 -28.01 17.82
C PHE B 121 -22.81 -28.86 18.02
N VAL B 122 -21.70 -28.22 18.40
CA VAL B 122 -20.43 -28.94 18.64
C VAL B 122 -19.68 -28.27 19.78
N GLN B 123 -18.94 -29.05 20.59
CA GLN B 123 -18.38 -28.58 21.88
C GLN B 123 -16.90 -28.18 21.88
N GLY B 124 -16.58 -27.15 22.66
CA GLY B 124 -15.19 -26.68 22.78
C GLY B 124 -14.80 -25.73 21.65
N LEU B 125 -13.56 -25.25 21.69
CA LEU B 125 -13.01 -24.37 20.64
C LEU B 125 -12.72 -25.20 19.39
N LYS B 126 -12.41 -24.54 18.28
CA LYS B 126 -12.07 -25.29 17.04
C LYS B 126 -10.71 -26.00 17.18
N GLY B 127 -9.89 -25.50 18.10
CA GLY B 127 -8.57 -26.05 18.37
C GLY B 127 -8.59 -27.42 19.04
N ASP B 128 -9.62 -27.68 19.85
CA ASP B 128 -9.75 -28.97 20.54
C ASP B 128 -10.22 -30.07 19.59
N TYR B 129 -9.90 -29.94 18.29
CA TYR B 129 -10.25 -30.92 17.23
C TYR B 129 -9.20 -30.92 16.09
N TRP B 130 -8.14 -30.15 16.31
CA TRP B 130 -7.06 -29.96 15.34
C TRP B 130 -5.78 -30.61 15.90
N ASP B 131 -5.10 -31.42 15.08
CA ASP B 131 -3.73 -31.84 15.41
C ASP B 131 -2.73 -31.33 14.37
N GLU B 132 -1.72 -30.60 14.89
CA GLU B 132 -0.77 -29.78 14.12
C GLU B 132 -0.40 -30.33 12.75
N GLU B 133 0.53 -31.29 12.72
CA GLU B 133 0.76 -32.02 11.47
C GLU B 133 0.09 -33.38 11.47
N GLN B 134 -1.23 -33.33 11.44
CA GLN B 134 -1.95 -34.13 10.47
C GLN B 134 -2.71 -33.03 9.79
N GLN B 135 -2.68 -33.03 8.46
CA GLN B 135 -3.14 -31.88 7.65
C GLN B 135 -4.49 -31.24 8.05
N GLN B 136 -5.45 -32.08 8.49
CA GLN B 136 -6.88 -31.71 8.64
C GLN B 136 -7.39 -31.60 10.08
N TYR B 137 -8.71 -31.85 10.24
CA TYR B 137 -9.41 -31.91 11.54
C TYR B 137 -9.80 -33.37 11.91
N THR B 138 -10.13 -33.61 13.20
CA THR B 138 -10.66 -34.92 13.67
C THR B 138 -11.99 -34.73 14.43
N GLY B 139 -12.41 -35.75 15.19
CA GLY B 139 -13.52 -35.64 16.13
C GLY B 139 -14.90 -35.51 15.50
N VAL B 140 -15.87 -35.07 16.32
CA VAL B 140 -17.27 -34.84 15.90
C VAL B 140 -17.30 -33.72 14.89
N LEU B 141 -16.43 -32.74 15.14
CA LEU B 141 -16.30 -31.53 14.32
C LEU B 141 -15.95 -31.88 12.89
N ALA B 142 -14.90 -32.68 12.68
CA ALA B 142 -14.56 -33.11 11.32
C ALA B 142 -15.75 -33.74 10.61
N ASN B 143 -16.60 -34.42 11.39
CA ASN B 143 -17.81 -35.04 10.84
C ASN B 143 -18.82 -33.99 10.49
N HIS B 144 -19.13 -33.13 11.46
CA HIS B 144 -20.04 -32.03 11.22
C HIS B 144 -19.69 -31.32 9.91
N LEU B 145 -18.43 -30.90 9.80
CA LEU B 145 -17.94 -30.16 8.64
C LEU B 145 -18.12 -30.97 7.37
N GLU B 146 -17.65 -32.21 7.38
CA GLU B 146 -17.65 -33.04 6.18
C GLU B 146 -19.03 -33.24 5.56
N GLN B 147 -20.05 -33.30 6.41
CA GLN B 147 -21.41 -33.46 5.93
C GLN B 147 -21.93 -32.20 5.28
N ALA B 148 -21.80 -31.08 6.01
CA ALA B 148 -22.18 -29.75 5.54
C ALA B 148 -21.60 -29.50 4.17
N TRP B 149 -20.34 -29.90 3.99
CA TRP B 149 -19.66 -29.75 2.71
C TRP B 149 -20.32 -30.56 1.59
N ASP B 150 -20.79 -31.76 1.90
CA ASP B 150 -21.45 -32.56 0.86
C ASP B 150 -22.91 -32.21 0.71
N LYS B 151 -23.59 -31.95 1.84
CA LYS B 151 -24.95 -31.43 1.82
C LYS B 151 -24.95 -30.10 1.05
N ALA B 152 -23.94 -29.26 1.30
CA ALA B 152 -23.83 -27.99 0.60
C ALA B 152 -23.49 -28.12 -0.90
N ASN B 153 -22.68 -29.13 -1.25
CA ASN B 153 -22.34 -29.40 -2.63
C ASN B 153 -23.49 -29.98 -3.45
N LYS B 154 -24.55 -30.36 -2.75
CA LYS B 154 -25.73 -30.92 -3.36
C LYS B 154 -26.90 -29.95 -3.08
N GLY B 155 -26.55 -28.68 -2.85
CA GLY B 155 -27.55 -27.62 -2.62
C GLY B 155 -28.21 -27.54 -1.25
N ILE B 156 -28.05 -28.56 -0.41
CA ILE B 156 -28.64 -28.53 0.94
C ILE B 156 -27.81 -27.61 1.88
N ALA B 157 -28.28 -26.38 2.04
CA ALA B 157 -27.56 -25.39 2.83
C ALA B 157 -27.65 -25.64 4.32
N PRO B 158 -26.56 -25.31 5.06
CA PRO B 158 -26.46 -25.38 6.52
C PRO B 158 -27.33 -24.34 7.25
N ARG B 159 -27.29 -24.35 8.57
CA ARG B 159 -28.20 -23.56 9.38
C ARG B 159 -27.59 -22.29 9.89
N ASN B 160 -28.30 -21.18 9.72
CA ASN B 160 -27.81 -19.90 10.20
C ASN B 160 -27.95 -19.83 11.72
N ALA B 161 -27.09 -20.57 12.43
CA ALA B 161 -27.24 -20.77 13.86
C ALA B 161 -26.08 -20.23 14.69
N TYR B 162 -26.37 -19.85 15.93
CA TYR B 162 -25.37 -19.17 16.77
C TYR B 162 -25.51 -19.54 18.23
N LYS B 163 -24.38 -19.53 18.94
CA LYS B 163 -24.35 -19.82 20.35
C LYS B 163 -24.14 -18.49 21.02
N LEU B 164 -25.22 -17.91 21.54
CA LEU B 164 -25.17 -16.57 22.10
C LEU B 164 -24.34 -16.50 23.36
N ALA B 165 -23.55 -15.44 23.45
CA ALA B 165 -22.80 -15.13 24.65
C ALA B 165 -22.80 -13.63 24.84
N LEU B 166 -21.91 -13.17 25.71
CA LEU B 166 -21.90 -11.76 26.05
C LEU B 166 -20.51 -11.14 25.97
N LYS B 167 -20.23 -10.44 24.86
CA LYS B 167 -18.96 -9.75 24.69
C LYS B 167 -18.52 -9.08 26.00
N ASP B 168 -17.43 -9.60 26.59
CA ASP B 168 -16.80 -9.02 27.76
C ASP B 168 -15.77 -8.01 27.29
N GLU B 169 -16.06 -6.73 27.46
CA GLU B 169 -15.14 -5.67 27.08
C GLU B 169 -15.40 -4.48 27.98
N LEU B 170 -14.76 -3.35 27.69
CA LEU B 170 -14.99 -2.13 28.48
C LEU B 170 -15.90 -1.20 27.70
N ARG B 171 -17.05 -0.87 28.28
CA ARG B 171 -18.03 -0.08 27.59
C ARG B 171 -18.32 1.14 28.46
N PRO B 172 -18.93 2.21 27.87
CA PRO B 172 -19.23 3.44 28.60
C PRO B 172 -20.11 3.18 29.83
N ILE B 173 -19.83 3.91 30.90
CA ILE B 173 -20.52 3.66 32.17
C ILE B 173 -22.02 3.92 31.98
N GLU B 174 -22.35 5.08 31.41
CA GLU B 174 -23.74 5.43 31.00
C GLU B 174 -24.52 4.30 30.29
N LYS B 175 -23.80 3.51 29.49
CA LYS B 175 -24.37 2.34 28.80
C LYS B 175 -24.44 1.11 29.72
N ASN B 176 -23.44 0.95 30.57
CA ASN B 176 -23.41 -0.15 31.51
C ASN B 176 -24.48 -0.08 32.61
N LYS B 177 -24.94 1.14 32.90
CA LYS B 177 -26.09 1.39 33.77
C LYS B 177 -27.39 0.95 33.07
N ALA B 178 -27.60 1.45 31.83
CA ALA B 178 -28.78 1.11 31.03
C ALA B 178 -28.82 -0.39 30.66
N GLY B 179 -28.28 -1.21 31.58
CA GLY B 179 -28.21 -2.69 31.45
C GLY B 179 -27.49 -3.29 30.26
N LYS B 180 -26.77 -2.48 29.48
CA LYS B 180 -26.30 -2.90 28.14
C LYS B 180 -24.97 -3.66 28.11
N ARG B 181 -25.04 -4.87 27.57
CA ARG B 181 -23.85 -5.56 27.09
C ARG B 181 -24.04 -5.84 25.60
N ARG B 182 -22.91 -5.96 24.88
CA ARG B 182 -22.99 -6.26 23.48
C ARG B 182 -22.95 -7.76 23.27
N LEU B 183 -23.83 -8.24 22.40
CA LEU B 183 -24.00 -9.66 22.19
C LEU B 183 -22.87 -10.21 21.37
N LEU B 184 -22.57 -11.48 21.59
CA LEU B 184 -21.63 -12.17 20.74
C LEU B 184 -22.36 -13.38 20.17
N TRP B 185 -22.31 -13.54 18.85
CA TRP B 185 -23.00 -14.64 18.23
C TRP B 185 -21.93 -15.60 17.75
N GLY B 186 -21.67 -16.65 18.52
CA GLY B 186 -20.72 -17.70 18.10
C GLY B 186 -21.30 -18.52 16.97
N CYS B 187 -20.58 -18.63 15.85
CA CYS B 187 -21.21 -19.22 14.66
C CYS B 187 -20.89 -20.68 14.46
N ASP B 188 -21.93 -21.43 14.13
CA ASP B 188 -21.79 -22.80 13.75
C ASP B 188 -20.67 -22.88 12.72
N ALA B 189 -19.60 -23.55 13.10
CA ALA B 189 -18.41 -23.69 12.25
C ALA B 189 -18.71 -24.15 10.84
N ALA B 190 -19.77 -24.94 10.69
CA ALA B 190 -20.13 -25.51 9.41
C ALA B 190 -20.55 -24.39 8.49
N THR B 191 -21.27 -23.44 9.07
CA THR B 191 -21.77 -22.30 8.31
C THR B 191 -20.60 -21.38 7.99
N THR B 192 -19.78 -21.10 9.00
CA THR B 192 -18.60 -20.25 8.83
C THR B 192 -17.64 -20.81 7.77
N LEU B 193 -17.68 -22.12 7.56
CA LEU B 193 -16.86 -22.74 6.53
C LEU B 193 -17.45 -22.51 5.13
N ILE B 194 -18.76 -22.73 4.97
CA ILE B 194 -19.37 -22.68 3.65
C ILE B 194 -19.27 -21.27 3.07
N ALA B 195 -19.54 -20.28 3.90
CA ALA B 195 -19.35 -18.88 3.52
C ALA B 195 -17.89 -18.63 3.12
N THR B 196 -16.96 -19.12 3.94
CA THR B 196 -15.55 -18.95 3.64
C THR B 196 -15.30 -19.46 2.23
N ALA B 197 -15.75 -20.68 1.95
CA ALA B 197 -15.45 -21.25 0.66
C ALA B 197 -16.02 -20.38 -0.44
N ALA B 198 -17.13 -19.71 -0.14
CA ALA B 198 -17.86 -18.91 -1.14
C ALA B 198 -17.23 -17.54 -1.36
N PHE B 199 -16.80 -16.92 -0.27
CA PHE B 199 -16.50 -15.51 -0.32
C PHE B 199 -15.06 -15.07 -0.04
N LYS B 200 -14.31 -15.82 0.76
CA LYS B 200 -12.93 -15.39 1.06
C LYS B 200 -12.21 -14.77 -0.14
N ALA B 201 -12.35 -15.37 -1.32
CA ALA B 201 -11.66 -14.83 -2.50
C ALA B 201 -12.11 -13.41 -2.88
N VAL B 202 -13.41 -13.15 -2.78
CA VAL B 202 -13.95 -11.79 -2.97
C VAL B 202 -13.51 -10.84 -1.86
N ALA B 203 -13.82 -11.16 -0.60
CA ALA B 203 -13.39 -10.34 0.55
C ALA B 203 -11.92 -9.93 0.47
N THR B 204 -11.12 -10.80 -0.15
CA THR B 204 -9.70 -10.57 -0.25
C THR B 204 -9.43 -9.55 -1.35
N ARG B 205 -10.14 -9.73 -2.47
CA ARG B 205 -10.12 -8.77 -3.54
C ARG B 205 -10.44 -7.36 -3.04
N LEU B 206 -11.42 -7.21 -2.16
CA LEU B 206 -11.75 -5.92 -1.58
C LEU B 206 -10.66 -5.46 -0.64
N GLN B 207 -10.14 -6.35 0.17
CA GLN B 207 -9.21 -5.89 1.18
C GLN B 207 -7.88 -5.49 0.55
N VAL B 208 -7.58 -6.05 -0.60
CA VAL B 208 -6.22 -5.93 -1.08
C VAL B 208 -6.03 -4.63 -1.86
N VAL B 209 -7.10 -3.83 -1.85
CA VAL B 209 -7.26 -2.77 -2.80
C VAL B 209 -7.78 -1.59 -2.00
N THR B 210 -7.80 -1.79 -0.70
CA THR B 210 -8.17 -0.82 0.31
C THR B 210 -7.24 0.42 0.26
N PRO B 211 -7.80 1.63 0.39
CA PRO B 211 -9.17 2.02 0.65
C PRO B 211 -9.87 2.51 -0.62
N MET B 212 -9.54 1.90 -1.76
CA MET B 212 -10.08 2.34 -3.07
C MET B 212 -11.54 1.94 -3.29
N THR B 213 -12.07 1.21 -2.31
CA THR B 213 -13.47 0.85 -2.17
C THR B 213 -13.91 1.21 -0.76
N PRO B 214 -15.14 1.72 -0.60
CA PRO B 214 -15.54 2.21 0.72
C PRO B 214 -15.62 1.07 1.76
N VAL B 215 -15.30 -0.16 1.35
CA VAL B 215 -15.16 -1.26 2.29
C VAL B 215 -13.75 -1.24 2.92
N ALA B 216 -13.60 -0.49 4.01
CA ALA B 216 -12.34 -0.36 4.74
C ALA B 216 -11.83 -1.62 5.50
N VAL B 217 -12.66 -2.65 5.68
CA VAL B 217 -12.25 -3.91 6.31
C VAL B 217 -10.85 -4.34 5.86
N GLY B 218 -9.94 -4.49 6.84
CA GLY B 218 -8.58 -4.90 6.57
C GLY B 218 -7.56 -3.76 6.53
N ILE B 219 -8.06 -2.53 6.46
CA ILE B 219 -7.19 -1.38 6.32
C ILE B 219 -6.14 -1.36 7.42
N ASN B 220 -4.93 -1.01 7.04
CA ASN B 220 -3.88 -0.79 8.00
C ASN B 220 -3.83 0.68 8.36
N MET B 221 -4.47 1.06 9.45
CA MET B 221 -4.54 2.46 9.83
C MET B 221 -3.17 3.06 10.13
N ASP B 222 -2.18 2.18 10.28
CA ASP B 222 -0.78 2.56 10.62
C ASP B 222 0.19 2.35 9.49
N SER B 223 -0.19 2.81 8.30
CA SER B 223 0.61 2.66 7.10
C SER B 223 0.18 3.74 6.13
N VAL B 224 0.76 3.70 4.95
CA VAL B 224 0.46 4.68 3.91
C VAL B 224 -0.99 4.58 3.48
N GLN B 225 -1.62 3.44 3.73
CA GLN B 225 -3.00 3.26 3.29
C GLN B 225 -3.87 4.31 3.93
N MET B 226 -3.53 4.68 5.15
CA MET B 226 -4.20 5.75 5.87
C MET B 226 -3.97 7.08 5.17
N GLN B 227 -2.76 7.32 4.70
CA GLN B 227 -2.43 8.56 4.05
C GLN B 227 -3.22 8.71 2.77
N VAL B 228 -3.46 7.59 2.11
CA VAL B 228 -4.29 7.59 0.91
C VAL B 228 -5.72 8.05 1.28
N MET B 229 -6.40 7.32 2.16
CA MET B 229 -7.69 7.75 2.75
C MET B 229 -7.74 9.22 3.00
N ASN B 230 -6.76 9.73 3.74
CA ASN B 230 -6.69 11.15 4.01
C ASN B 230 -6.72 12.00 2.74
N ASP B 231 -5.93 11.64 1.73
CA ASP B 231 -5.96 12.43 0.51
C ASP B 231 -7.34 12.40 -0.14
N SER B 232 -7.94 11.22 -0.21
CA SER B 232 -9.23 11.06 -0.87
C SER B 232 -10.36 11.94 -0.31
N LEU B 233 -10.16 12.50 0.90
CA LEU B 233 -11.11 13.44 1.51
C LEU B 233 -10.97 14.88 1.02
N LYS B 234 -9.83 15.24 0.43
CA LYS B 234 -9.61 16.64 0.08
C LYS B 234 -10.48 17.07 -1.10
N GLY B 235 -11.28 18.11 -0.91
CA GLY B 235 -12.17 18.60 -1.97
C GLY B 235 -13.64 18.42 -1.66
N GLY B 236 -13.95 17.49 -0.76
CA GLY B 236 -15.31 17.34 -0.25
C GLY B 236 -15.57 18.09 1.05
N VAL B 237 -16.84 18.19 1.43
CA VAL B 237 -17.24 18.56 2.76
C VAL B 237 -17.34 17.27 3.57
N LEU B 238 -16.67 17.23 4.72
CA LEU B 238 -16.40 15.99 5.47
C LEU B 238 -17.31 15.82 6.66
N TYR B 239 -17.96 14.68 6.72
CA TYR B 239 -18.83 14.30 7.83
C TYR B 239 -18.26 13.02 8.37
N CYS B 240 -18.04 12.94 9.67
CA CYS B 240 -17.63 11.66 10.25
C CYS B 240 -18.74 11.12 11.15
N LEU B 241 -19.14 9.86 10.92
CA LEU B 241 -20.18 9.23 11.71
C LEU B 241 -19.73 7.86 12.17
N ASP B 242 -20.14 7.54 13.40
CA ASP B 242 -20.20 6.17 13.90
C ASP B 242 -21.64 5.93 14.40
N TYR B 243 -22.38 5.06 13.73
CA TYR B 243 -23.80 4.87 13.99
C TYR B 243 -24.09 4.07 15.26
N SER B 244 -24.99 4.58 16.10
CA SER B 244 -25.42 3.85 17.30
C SER B 244 -26.11 2.55 16.93
N LYS B 245 -25.70 1.47 17.59
CA LYS B 245 -26.35 0.15 17.45
C LYS B 245 -26.58 -0.30 15.97
N TRP B 246 -25.50 -0.23 15.21
CA TRP B 246 -25.48 -0.62 13.81
C TRP B 246 -26.07 -2.02 13.59
N ASP B 247 -25.47 -3.06 14.16
CA ASP B 247 -25.85 -4.46 13.80
C ASP B 247 -27.36 -4.79 13.85
N SER B 248 -28.03 -4.28 14.88
CA SER B 248 -29.45 -4.55 15.16
C SER B 248 -30.43 -3.59 14.45
N THR B 249 -29.88 -2.68 13.64
CA THR B 249 -30.71 -1.84 12.80
C THR B 249 -30.62 -2.30 11.32
N GLN B 250 -29.79 -3.32 11.05
CA GLN B 250 -29.61 -3.80 9.68
C GLN B 250 -30.86 -4.46 9.14
N ASN B 251 -31.11 -4.26 7.86
CA ASN B 251 -32.33 -4.79 7.29
C ASN B 251 -32.13 -6.04 6.46
N PRO B 252 -32.91 -7.11 6.74
CA PRO B 252 -32.74 -8.39 6.02
C PRO B 252 -32.65 -8.21 4.52
N ALA B 253 -33.47 -7.30 3.98
CA ALA B 253 -33.52 -7.05 2.54
C ALA B 253 -32.26 -6.36 2.04
N VAL B 254 -31.69 -5.47 2.87
CA VAL B 254 -30.38 -4.88 2.60
C VAL B 254 -29.28 -5.94 2.63
N THR B 255 -29.22 -6.71 3.71
CA THR B 255 -28.27 -7.78 3.86
C THR B 255 -28.34 -8.74 2.67
N ALA B 256 -29.55 -9.15 2.33
CA ALA B 256 -29.77 -10.02 1.19
C ALA B 256 -29.11 -9.43 -0.08
N ALA B 257 -29.35 -8.14 -0.33
CA ALA B 257 -28.79 -7.48 -1.52
C ALA B 257 -27.26 -7.53 -1.52
N SER B 258 -26.66 -7.01 -0.45
CA SER B 258 -25.22 -7.11 -0.27
C SER B 258 -24.69 -8.49 -0.67
N LEU B 259 -25.33 -9.54 -0.17
CA LEU B 259 -24.88 -10.92 -0.41
C LEU B 259 -24.93 -11.28 -1.88
N ALA B 260 -25.95 -10.79 -2.60
CA ALA B 260 -26.04 -11.06 -4.02
C ALA B 260 -24.95 -10.29 -4.75
N ILE B 261 -24.71 -9.03 -4.33
CA ILE B 261 -23.55 -8.27 -4.80
C ILE B 261 -22.29 -9.11 -4.59
N LEU B 262 -22.05 -9.58 -3.37
CA LEU B 262 -20.94 -10.49 -3.13
C LEU B 262 -20.93 -11.68 -4.10
N GLU B 263 -22.11 -12.26 -4.34
CA GLU B 263 -22.28 -13.42 -5.21
C GLU B 263 -21.90 -13.10 -6.63
N ARG B 264 -22.15 -11.86 -7.03
CA ARG B 264 -21.85 -11.45 -8.37
C ARG B 264 -20.37 -11.65 -8.65
N PHE B 265 -19.53 -11.42 -7.64
CA PHE B 265 -18.08 -11.50 -7.82
C PHE B 265 -17.45 -12.87 -7.54
N ALA B 266 -18.31 -13.85 -7.32
CA ALA B 266 -17.88 -15.24 -7.17
C ALA B 266 -18.49 -16.01 -8.32
N GLU B 267 -17.83 -17.05 -8.79
CA GLU B 267 -18.40 -17.86 -9.87
C GLU B 267 -19.54 -18.70 -9.31
N PRO B 268 -20.64 -18.84 -10.07
CA PRO B 268 -21.83 -19.51 -9.55
C PRO B 268 -21.57 -20.98 -9.35
N HIS B 269 -22.08 -21.51 -8.24
CA HIS B 269 -21.68 -22.81 -7.71
C HIS B 269 -22.56 -23.14 -6.49
N PRO B 270 -22.88 -24.45 -6.25
CA PRO B 270 -23.79 -24.81 -5.16
C PRO B 270 -23.33 -24.27 -3.80
N ILE B 271 -22.04 -24.42 -3.50
CA ILE B 271 -21.43 -23.84 -2.27
C ILE B 271 -21.87 -22.39 -2.04
N VAL B 272 -21.88 -21.59 -3.10
CA VAL B 272 -22.24 -20.19 -2.98
C VAL B 272 -23.74 -20.01 -2.67
N SER B 273 -24.59 -20.54 -3.55
CA SER B 273 -26.03 -20.53 -3.39
C SER B 273 -26.42 -20.85 -1.94
N CYS B 274 -25.75 -21.86 -1.41
CA CYS B 274 -25.91 -22.29 -0.04
C CYS B 274 -25.56 -21.25 1.01
N ALA B 275 -24.38 -20.62 0.90
CA ALA B 275 -23.95 -19.64 1.89
C ALA B 275 -24.91 -18.43 1.95
N ILE B 276 -25.28 -17.93 0.77
CA ILE B 276 -26.29 -16.89 0.66
C ILE B 276 -27.60 -17.34 1.30
N GLU B 277 -28.03 -18.57 0.97
CA GLU B 277 -29.29 -19.10 1.48
C GLU B 277 -29.30 -19.04 3.00
N ALA B 278 -28.18 -19.44 3.60
CA ALA B 278 -28.07 -19.55 5.05
C ALA B 278 -28.00 -18.18 5.70
N LEU B 279 -27.28 -17.27 5.03
CA LEU B 279 -26.88 -16.03 5.63
C LEU B 279 -27.94 -14.95 5.55
N SER B 280 -28.84 -15.09 4.57
CA SER B 280 -29.99 -14.20 4.50
C SER B 280 -31.18 -14.80 5.28
N SER B 281 -31.07 -16.06 5.69
CA SER B 281 -32.11 -16.63 6.53
C SER B 281 -32.12 -15.95 7.91
N PRO B 282 -33.29 -15.92 8.58
CA PRO B 282 -33.26 -15.35 9.92
C PRO B 282 -32.27 -16.09 10.78
N ALA B 283 -31.43 -15.35 11.49
CA ALA B 283 -30.49 -15.97 12.40
C ALA B 283 -31.22 -16.40 13.66
N GLU B 284 -30.81 -17.54 14.19
CA GLU B 284 -31.32 -18.03 15.44
C GLU B 284 -30.17 -18.35 16.40
N GLY B 285 -30.32 -17.86 17.64
CA GLY B 285 -29.30 -18.02 18.67
C GLY B 285 -29.69 -18.96 19.82
N TYR B 286 -29.10 -20.16 19.79
CA TYR B 286 -29.26 -21.15 20.84
C TYR B 286 -28.54 -20.74 22.12
N VAL B 287 -29.25 -20.75 23.24
CA VAL B 287 -28.63 -20.64 24.58
C VAL B 287 -29.31 -21.65 25.53
N ASN B 288 -28.50 -22.52 26.13
CA ASN B 288 -28.96 -23.84 26.60
C ASN B 288 -30.11 -24.45 25.79
N ASP B 289 -31.22 -24.73 26.47
CA ASP B 289 -32.35 -25.49 25.89
C ASP B 289 -33.19 -24.73 24.87
N ILE B 290 -33.09 -23.40 24.87
CA ILE B 290 -33.90 -22.57 23.99
C ILE B 290 -33.08 -21.99 22.85
N LYS B 291 -33.80 -21.34 21.93
CA LYS B 291 -33.22 -20.61 20.79
C LYS B 291 -34.11 -19.42 20.45
N PHE B 292 -33.52 -18.42 19.83
CA PHE B 292 -34.27 -17.25 19.45
C PHE B 292 -34.11 -16.93 17.97
N VAL B 293 -35.21 -16.66 17.29
CA VAL B 293 -35.16 -16.33 15.88
C VAL B 293 -35.21 -14.81 15.72
N THR B 294 -34.42 -14.29 14.78
CA THR B 294 -34.39 -12.86 14.52
C THR B 294 -35.50 -12.50 13.56
N ARG B 295 -36.23 -11.44 13.87
CA ARG B 295 -37.16 -10.87 12.89
C ARG B 295 -36.52 -9.65 12.22
N GLY B 296 -35.21 -9.50 12.41
CA GLY B 296 -34.47 -8.42 11.79
C GLY B 296 -33.15 -8.14 12.47
N GLY B 297 -32.11 -7.93 11.67
CA GLY B 297 -30.85 -7.41 12.17
C GLY B 297 -29.70 -8.20 11.63
N LEU B 298 -28.53 -8.03 12.23
CA LEU B 298 -27.39 -8.83 11.91
C LEU B 298 -26.74 -9.37 13.16
N PRO B 299 -26.50 -10.69 13.18
CA PRO B 299 -25.74 -11.29 14.29
C PRO B 299 -24.27 -10.86 14.23
N SER B 300 -23.79 -10.08 15.20
CA SER B 300 -22.36 -9.64 15.19
C SER B 300 -21.47 -10.85 15.38
N GLY B 301 -21.05 -11.47 14.28
CA GLY B 301 -20.37 -12.74 14.36
C GLY B 301 -20.79 -13.70 13.27
N MET B 302 -21.57 -13.22 12.32
CA MET B 302 -21.81 -14.00 11.12
C MET B 302 -20.53 -14.00 10.27
N PRO B 303 -20.26 -15.08 9.53
CA PRO B 303 -19.05 -15.05 8.72
C PRO B 303 -19.05 -13.83 7.79
N PHE B 304 -17.93 -13.14 7.70
CA PHE B 304 -17.81 -11.88 6.91
C PHE B 304 -18.77 -10.78 7.34
N THR B 305 -18.98 -10.67 8.66
CA THR B 305 -19.85 -9.63 9.20
C THR B 305 -19.43 -8.22 8.81
N SER B 306 -18.16 -7.89 9.00
CA SER B 306 -17.68 -6.53 8.71
C SER B 306 -17.73 -6.17 7.23
N VAL B 307 -17.38 -7.15 6.39
CA VAL B 307 -17.41 -6.94 4.95
C VAL B 307 -18.84 -6.66 4.55
N VAL B 308 -19.72 -7.63 4.84
CA VAL B 308 -21.13 -7.53 4.47
C VAL B 308 -21.74 -6.26 5.04
N ASN B 309 -21.48 -5.98 6.32
CA ASN B 309 -21.94 -4.74 6.97
C ASN B 309 -21.58 -3.51 6.21
N SER B 310 -20.36 -3.47 5.69
CA SER B 310 -19.87 -2.28 5.02
C SER B 310 -20.51 -2.09 3.67
N ILE B 311 -20.83 -3.20 3.00
CA ILE B 311 -21.56 -3.15 1.73
C ILE B 311 -23.00 -2.66 2.00
N ASN B 312 -23.60 -3.16 3.07
CA ASN B 312 -24.83 -2.59 3.59
C ASN B 312 -24.71 -1.07 3.66
N HIS B 313 -23.70 -0.58 4.38
CA HIS B 313 -23.55 0.86 4.57
C HIS B 313 -23.52 1.62 3.22
N MET B 314 -22.91 0.99 2.21
CA MET B 314 -22.82 1.62 0.90
C MET B 314 -24.22 1.79 0.34
N ILE B 315 -25.04 0.76 0.51
CA ILE B 315 -26.38 0.75 -0.03
C ILE B 315 -27.16 1.86 0.65
N TYR B 316 -27.16 1.85 1.99
CA TYR B 316 -27.89 2.87 2.75
C TYR B 316 -27.53 4.29 2.34
N VAL B 317 -26.24 4.63 2.36
CA VAL B 317 -25.82 6.00 2.03
C VAL B 317 -26.13 6.38 0.55
N ALA B 318 -25.93 5.44 -0.37
CA ALA B 318 -26.32 5.68 -1.74
C ALA B 318 -27.84 5.97 -1.87
N ALA B 319 -28.68 5.15 -1.24
CA ALA B 319 -30.13 5.30 -1.32
C ALA B 319 -30.58 6.61 -0.69
N ALA B 320 -29.96 6.97 0.41
CA ALA B 320 -30.37 8.16 1.13
C ALA B 320 -29.86 9.38 0.40
N ILE B 321 -28.64 9.29 -0.15
CA ILE B 321 -28.13 10.43 -0.94
C ILE B 321 -29.04 10.67 -2.17
N LEU B 322 -29.39 9.58 -2.86
CA LEU B 322 -30.19 9.65 -4.06
C LEU B 322 -31.61 10.04 -3.76
N GLN B 323 -32.08 9.80 -2.54
CA GLN B 323 -33.43 10.19 -2.14
C GLN B 323 -33.49 11.72 -1.93
N ALA B 324 -32.63 12.22 -1.05
CA ALA B 324 -32.40 13.66 -0.87
C ALA B 324 -32.44 14.42 -2.16
N TYR B 325 -31.73 13.95 -3.18
CA TYR B 325 -31.68 14.69 -4.44
C TYR B 325 -33.07 14.77 -5.08
N GLU B 326 -33.76 13.63 -5.08
CA GLU B 326 -35.09 13.53 -5.62
C GLU B 326 -35.99 14.55 -4.95
N SER B 327 -35.89 14.68 -3.63
CA SER B 327 -36.80 15.58 -2.93
C SER B 327 -36.37 17.02 -3.01
N HIS B 328 -35.41 17.33 -3.87
CA HIS B 328 -35.05 18.70 -4.08
C HIS B 328 -35.21 19.01 -5.55
N ASN B 329 -35.64 18.00 -6.31
CA ASN B 329 -35.86 18.17 -7.74
C ASN B 329 -34.57 18.66 -8.42
N VAL B 330 -33.49 17.92 -8.13
CA VAL B 330 -32.20 18.16 -8.75
C VAL B 330 -31.76 16.84 -9.33
N PRO B 331 -31.44 16.80 -10.63
CA PRO B 331 -30.96 15.54 -11.22
C PRO B 331 -29.60 15.14 -10.66
N TYR B 332 -29.41 13.85 -10.56
CA TYR B 332 -28.18 13.29 -10.06
C TYR B 332 -27.74 12.23 -11.05
N THR B 333 -26.77 12.58 -11.91
CA THR B 333 -26.41 11.70 -13.04
C THR B 333 -25.27 10.70 -12.82
N GLY B 334 -24.29 11.03 -11.99
CA GLY B 334 -23.13 10.15 -11.75
C GLY B 334 -23.37 8.98 -10.81
N ASN B 335 -22.34 8.12 -10.69
CA ASN B 335 -22.32 7.02 -9.70
C ASN B 335 -22.02 7.61 -8.32
N VAL B 336 -22.65 7.08 -7.29
CA VAL B 336 -22.57 7.75 -5.97
C VAL B 336 -21.14 7.87 -5.46
N PHE B 337 -20.33 6.85 -5.71
CA PHE B 337 -19.02 6.73 -5.08
C PHE B 337 -17.90 7.31 -5.93
N GLN B 338 -18.24 7.74 -7.13
CA GLN B 338 -17.32 8.53 -7.92
C GLN B 338 -17.60 9.98 -7.62
N VAL B 339 -18.86 10.32 -7.32
CA VAL B 339 -19.19 11.71 -7.03
C VAL B 339 -18.85 12.02 -5.59
N GLU B 340 -19.31 11.17 -4.68
CA GLU B 340 -18.94 11.29 -3.28
C GLU B 340 -17.79 10.34 -2.88
N THR B 341 -17.13 10.65 -1.78
CA THR B 341 -16.08 9.76 -1.27
C THR B 341 -16.54 9.15 0.04
N ILE B 342 -16.65 7.82 0.04
CA ILE B 342 -17.13 7.10 1.21
C ILE B 342 -16.07 6.17 1.74
N HIS B 343 -15.98 6.10 3.07
CA HIS B 343 -15.26 5.04 3.75
C HIS B 343 -16.14 4.53 4.87
N THR B 344 -16.27 3.21 4.96
CA THR B 344 -17.15 2.56 5.92
C THR B 344 -16.40 1.39 6.53
N TYR B 345 -16.53 1.23 7.83
CA TYR B 345 -16.12 0.00 8.47
C TYR B 345 -17.34 -0.37 9.30
N GLY B 346 -18.18 -1.24 8.73
CA GLY B 346 -19.53 -1.44 9.24
C GLY B 346 -20.07 -0.14 9.81
N GLY B 347 -20.26 -0.10 11.11
CA GLY B 347 -20.89 1.04 11.76
C GLY B 347 -20.25 2.41 11.50
N GLY B 348 -18.92 2.47 11.46
CA GLY B 348 -18.24 3.75 11.51
C GLY B 348 -17.91 4.17 10.10
N CYS B 349 -17.91 5.47 9.84
CA CYS B 349 -17.74 5.92 8.49
C CYS B 349 -17.23 7.35 8.40
N MET B 350 -16.81 7.70 7.18
CA MET B 350 -16.50 9.08 6.86
C MET B 350 -17.06 9.36 5.51
N TYR B 351 -17.85 10.41 5.41
CA TYR B 351 -18.42 10.87 4.15
C TYR B 351 -17.74 12.17 3.76
N SER B 352 -17.12 12.16 2.58
CA SER B 352 -16.62 13.38 2.00
C SER B 352 -17.39 13.65 0.72
N VAL B 353 -18.37 14.53 0.83
CA VAL B 353 -19.36 14.68 -0.21
C VAL B 353 -19.11 15.97 -0.92
N CYS B 354 -19.55 16.08 -2.17
CA CYS B 354 -19.43 17.36 -2.88
C CYS B 354 -20.38 18.44 -2.30
N PRO B 355 -20.08 19.73 -2.56
CA PRO B 355 -20.89 20.85 -2.06
C PRO B 355 -22.40 20.68 -2.22
N ALA B 356 -22.89 20.45 -3.43
CA ALA B 356 -24.33 20.29 -3.64
C ALA B 356 -24.84 19.35 -2.58
N THR B 357 -24.29 18.12 -2.54
CA THR B 357 -24.69 17.11 -1.57
C THR B 357 -24.59 17.59 -0.15
N ALA B 358 -23.52 18.28 0.19
CA ALA B 358 -23.43 18.84 1.52
C ALA B 358 -24.65 19.75 1.85
N SER B 359 -24.99 20.67 0.97
CA SER B 359 -26.10 21.58 1.23
C SER B 359 -27.43 20.89 1.57
N ILE B 360 -27.58 19.63 1.17
CA ILE B 360 -28.85 18.95 1.44
C ILE B 360 -28.59 17.77 2.34
N PHE B 361 -27.43 17.81 3.00
CA PHE B 361 -27.03 16.68 3.85
C PHE B 361 -27.95 16.42 5.04
N HIS B 362 -28.66 17.42 5.53
CA HIS B 362 -29.60 17.19 6.61
C HIS B 362 -30.59 16.14 6.21
N THR B 363 -31.03 16.22 4.98
CA THR B 363 -32.10 15.40 4.55
C THR B 363 -31.59 14.01 4.18
N VAL B 364 -30.34 13.95 3.73
CA VAL B 364 -29.65 12.66 3.72
C VAL B 364 -29.84 11.97 5.11
N LEU B 365 -29.46 12.65 6.18
CA LEU B 365 -29.55 12.06 7.51
C LEU B 365 -30.97 11.61 7.81
N ALA B 366 -31.94 12.50 7.57
CA ALA B 366 -33.35 12.18 7.74
C ALA B 366 -33.74 10.89 7.00
N ASN B 367 -33.24 10.72 5.77
CA ASN B 367 -33.50 9.48 5.05
C ASN B 367 -32.91 8.29 5.80
N LEU B 368 -31.61 8.37 6.12
CA LEU B 368 -30.94 7.26 6.79
C LEU B 368 -31.75 6.93 8.03
N THR B 369 -31.94 7.92 8.90
CA THR B 369 -32.71 7.66 10.11
C THR B 369 -34.07 7.00 9.84
N SER B 370 -34.76 7.44 8.79
CA SER B 370 -36.04 6.81 8.42
C SER B 370 -35.94 5.32 8.06
N TYR B 371 -34.80 4.84 7.57
CA TYR B 371 -34.72 3.38 7.29
C TYR B 371 -34.50 2.56 8.58
N GLY B 372 -34.44 3.29 9.70
CA GLY B 372 -34.31 2.68 11.00
C GLY B 372 -32.88 2.66 11.49
N LEU B 373 -32.03 3.49 10.89
CA LEU B 373 -30.66 3.68 11.34
C LEU B 373 -30.59 4.80 12.38
N LYS B 374 -29.47 4.86 13.10
CA LYS B 374 -29.24 5.84 14.18
C LYS B 374 -27.86 6.47 14.04
N PRO B 375 -27.73 7.47 13.15
CA PRO B 375 -26.46 8.15 13.00
C PRO B 375 -26.12 9.12 14.14
N THR B 376 -24.86 9.08 14.58
CA THR B 376 -24.11 10.12 15.31
C THR B 376 -22.84 10.06 14.49
N ALA B 377 -22.05 11.11 14.26
CA ALA B 377 -21.51 12.12 15.18
C ALA B 377 -20.44 11.31 15.91
N ALA B 378 -19.34 11.07 15.21
CA ALA B 378 -18.27 10.19 15.71
C ALA B 378 -17.69 10.81 16.99
N ASP B 379 -16.93 11.90 16.83
CA ASP B 379 -16.49 12.70 17.99
C ASP B 379 -17.65 12.81 18.99
N LYS B 380 -17.36 12.44 20.23
CA LYS B 380 -18.38 12.24 21.27
C LYS B 380 -19.48 13.32 21.36
N SER B 381 -19.17 14.52 20.89
CA SER B 381 -20.11 15.66 20.88
C SER B 381 -20.90 15.85 19.56
N ASP B 382 -22.21 15.61 19.67
CA ASP B 382 -23.17 15.62 18.54
C ASP B 382 -24.35 16.57 18.78
N ALA B 383 -24.93 17.22 17.76
CA ALA B 383 -24.56 17.21 16.32
C ALA B 383 -23.05 17.34 16.03
N ILE B 384 -22.47 16.71 14.99
CA ILE B 384 -23.03 16.20 13.69
C ILE B 384 -23.08 17.29 12.60
N LYS B 385 -21.98 18.03 12.53
CA LYS B 385 -21.72 19.12 11.58
C LYS B 385 -20.57 18.68 10.65
N PRO B 386 -20.28 19.47 9.59
CA PRO B 386 -19.07 19.21 8.84
C PRO B 386 -17.83 19.56 9.65
N THR B 387 -16.85 18.66 9.67
CA THR B 387 -15.61 18.86 10.40
C THR B 387 -14.51 19.04 9.41
N ASN B 388 -13.36 19.53 9.88
CA ASN B 388 -12.11 19.54 9.13
C ASN B 388 -11.15 18.47 9.67
N THR B 389 -11.53 17.87 10.80
CA THR B 389 -10.67 16.94 11.53
C THR B 389 -11.16 15.52 11.29
N PRO B 390 -10.56 14.79 10.33
CA PRO B 390 -11.03 13.45 10.06
C PRO B 390 -10.88 12.52 11.25
N VAL B 391 -11.96 11.85 11.60
CA VAL B 391 -11.92 10.86 12.67
C VAL B 391 -12.53 9.57 12.14
N PHE B 392 -11.94 8.42 12.49
CA PHE B 392 -12.32 7.12 11.93
C PHE B 392 -11.63 6.05 12.73
N LEU B 393 -12.39 5.04 13.14
CA LEU B 393 -11.89 3.88 13.88
C LEU B 393 -10.99 4.26 15.05
N LYS B 394 -11.46 5.21 15.85
CA LYS B 394 -10.72 5.70 17.03
C LYS B 394 -9.44 6.45 16.65
N ARG B 395 -9.36 6.94 15.42
CA ARG B 395 -8.16 7.66 15.01
C ARG B 395 -8.55 9.02 14.49
N THR B 396 -7.78 10.02 14.89
CA THR B 396 -7.87 11.35 14.35
C THR B 396 -6.70 11.63 13.39
N PHE B 397 -7.01 11.77 12.08
CA PHE B 397 -5.98 12.10 11.06
C PHE B 397 -5.31 13.45 11.36
N THR B 398 -4.01 13.45 11.55
CA THR B 398 -3.35 14.69 11.99
C THR B 398 -2.01 14.87 11.32
N GLN B 399 -1.74 16.08 10.83
CA GLN B 399 -0.38 16.38 10.38
C GLN B 399 0.60 16.23 11.55
N THR B 400 1.76 15.65 11.27
CA THR B 400 2.79 15.53 12.29
C THR B 400 4.12 15.85 11.63
N PRO B 401 5.19 15.95 12.44
CA PRO B 401 6.49 16.15 11.82
C PRO B 401 6.94 15.00 10.90
N HIS B 402 6.22 13.86 10.90
CA HIS B 402 6.58 12.74 10.03
C HIS B 402 5.55 12.53 8.97
N GLY B 403 4.77 13.55 8.67
CA GLY B 403 3.66 13.45 7.73
C GLY B 403 2.42 13.03 8.47
N ILE B 404 1.27 13.11 7.81
CA ILE B 404 -0.02 12.69 8.35
C ILE B 404 0.05 11.36 9.10
N ARG B 405 -0.79 11.22 10.14
CA ARG B 405 -0.93 9.99 10.92
C ARG B 405 -2.35 9.91 11.46
N ALA B 406 -2.87 8.70 11.62
CA ALA B 406 -4.13 8.45 12.34
C ALA B 406 -3.84 8.26 13.84
N LEU B 407 -3.95 9.33 14.64
CA LEU B 407 -3.55 9.26 16.05
C LEU B 407 -4.57 8.52 16.90
N LEU B 408 -4.14 7.46 17.58
CA LEU B 408 -5.06 6.76 18.47
C LEU B 408 -5.59 7.68 19.56
N ASP B 409 -6.90 7.59 19.75
CA ASP B 409 -7.66 8.28 20.79
C ASP B 409 -6.90 8.15 22.11
N ILE B 410 -6.66 9.26 22.79
CA ILE B 410 -5.78 9.20 23.93
C ILE B 410 -6.44 8.44 25.06
N THR B 411 -7.73 8.65 25.19
CA THR B 411 -8.49 8.02 26.24
C THR B 411 -8.54 6.50 25.99
N SER B 412 -8.53 6.10 24.71
CA SER B 412 -8.29 4.70 24.30
C SER B 412 -6.91 4.18 24.68
N ILE B 413 -5.92 5.06 24.66
CA ILE B 413 -4.58 4.70 25.10
C ILE B 413 -4.51 4.56 26.62
N THR B 414 -4.71 5.67 27.36
CA THR B 414 -4.50 5.68 28.81
C THR B 414 -5.33 4.65 29.56
N ARG B 415 -6.42 4.21 28.93
CA ARG B 415 -7.35 3.23 29.49
C ARG B 415 -6.71 1.87 29.64
N GLN B 416 -5.83 1.53 28.70
CA GLN B 416 -5.11 0.27 28.72
C GLN B 416 -4.21 0.11 29.92
N PHE B 417 -3.79 1.23 30.49
CA PHE B 417 -2.97 1.25 31.68
C PHE B 417 -3.77 1.00 32.95
N TYR B 418 -5.03 1.48 32.98
CA TYR B 418 -5.90 1.28 34.15
C TYR B 418 -6.53 -0.11 34.32
N TRP B 419 -6.61 -0.92 33.26
CA TRP B 419 -7.24 -2.24 33.37
C TRP B 419 -6.38 -3.36 32.74
N LEU B 420 -6.64 -4.62 33.09
CA LEU B 420 -6.02 -5.74 32.38
C LEU B 420 -6.89 -6.98 32.31
N LYS B 421 -6.81 -7.68 31.18
CA LYS B 421 -7.44 -8.99 30.99
C LYS B 421 -6.53 -10.06 31.60
N ALA B 422 -7.04 -11.27 31.81
CA ALA B 422 -6.27 -12.29 32.51
C ALA B 422 -7.04 -13.56 32.76
N ASN B 423 -7.53 -13.72 33.99
CA ASN B 423 -8.38 -14.87 34.36
C ASN B 423 -9.83 -14.48 34.65
N ARG B 424 -10.77 -15.29 34.12
CA ARG B 424 -12.20 -15.21 34.46
C ARG B 424 -12.37 -15.16 36.01
N THR B 425 -13.04 -14.11 36.50
CA THR B 425 -13.25 -13.90 37.95
C THR B 425 -14.43 -12.95 38.23
N SER B 426 -15.01 -13.09 39.43
CA SER B 426 -16.19 -12.34 39.86
C SER B 426 -15.92 -10.87 40.19
N ASP B 427 -14.64 -10.50 40.25
CA ASP B 427 -14.25 -9.12 40.63
C ASP B 427 -13.44 -8.43 39.52
N PRO B 428 -13.60 -7.10 39.37
CA PRO B 428 -12.53 -6.31 38.74
C PRO B 428 -11.55 -5.67 39.77
N SER B 429 -11.71 -5.96 41.07
CA SER B 429 -10.94 -5.30 42.16
C SER B 429 -9.70 -6.07 42.65
N SER B 430 -9.86 -7.38 42.77
CA SER B 430 -8.85 -8.25 43.36
C SER B 430 -7.59 -8.46 42.48
N PRO B 431 -6.41 -8.59 43.13
CA PRO B 431 -5.14 -8.97 42.47
C PRO B 431 -5.30 -10.06 41.38
N PRO B 432 -4.66 -9.86 40.20
CA PRO B 432 -4.83 -10.78 39.06
C PRO B 432 -3.77 -11.88 38.95
N ALA B 433 -4.15 -12.97 38.29
CA ALA B 433 -3.20 -14.02 37.87
C ALA B 433 -2.84 -13.87 36.37
N PHE B 434 -2.21 -12.74 36.03
CA PHE B 434 -1.91 -12.37 34.65
C PHE B 434 -0.48 -12.64 34.16
N ASP B 435 -0.24 -12.32 32.89
CA ASP B 435 0.97 -12.73 32.17
C ASP B 435 1.82 -11.51 31.80
N ARG B 436 2.83 -11.21 32.64
CA ARG B 436 3.67 -10.01 32.44
C ARG B 436 4.19 -9.87 31.03
N GLN B 437 4.52 -10.99 30.40
CA GLN B 437 5.01 -10.97 29.04
C GLN B 437 4.06 -10.27 28.04
N ALA B 438 2.79 -10.65 28.03
CA ALA B 438 1.77 -10.07 27.14
C ALA B 438 1.42 -8.64 27.50
N ARG B 439 1.23 -8.40 28.79
CA ARG B 439 0.95 -7.06 29.30
C ARG B 439 2.06 -6.10 28.90
N SER B 440 3.31 -6.53 29.03
CA SER B 440 4.43 -5.64 28.75
C SER B 440 4.44 -5.25 27.30
N ALA B 441 4.01 -6.18 26.45
CA ALA B 441 3.98 -5.92 25.03
C ALA B 441 2.88 -4.89 24.75
N GLN B 442 1.79 -5.03 25.46
CA GLN B 442 0.63 -4.23 25.19
C GLN B 442 0.92 -2.79 25.51
N LEU B 443 1.56 -2.55 26.65
CA LEU B 443 1.83 -1.18 27.07
C LEU B 443 2.91 -0.57 26.19
N GLU B 444 3.99 -1.30 25.96
CA GLU B 444 4.99 -0.79 25.04
C GLU B 444 4.33 -0.26 23.75
N ASN B 445 3.41 -1.04 23.16
CA ASN B 445 2.64 -0.59 21.99
C ASN B 445 1.82 0.66 22.25
N ALA B 446 1.04 0.67 23.33
CA ALA B 446 0.29 1.85 23.72
C ALA B 446 1.21 3.06 23.67
N LEU B 447 2.42 2.92 24.22
CA LEU B 447 3.38 4.00 24.18
C LEU B 447 3.75 4.32 22.75
N ALA B 448 4.11 3.29 21.98
CA ALA B 448 4.44 3.52 20.58
C ALA B 448 3.35 4.32 19.90
N TYR B 449 2.08 4.05 20.20
CA TYR B 449 0.98 4.88 19.72
C TYR B 449 1.05 6.32 20.23
N ALA B 450 1.19 6.50 21.54
CA ALA B 450 1.09 7.85 22.10
C ALA B 450 2.13 8.81 21.57
N SER B 451 3.29 8.28 21.20
CA SER B 451 4.37 9.08 20.62
C SER B 451 4.04 9.89 19.35
N GLN B 452 3.02 9.47 18.60
CA GLN B 452 2.62 10.17 17.37
C GLN B 452 1.94 11.52 17.63
N HIS B 453 1.45 11.68 18.86
CA HIS B 453 0.82 12.90 19.31
C HIS B 453 1.77 14.02 19.64
N GLY B 454 3.07 13.77 19.59
CA GLY B 454 4.06 14.79 19.93
C GLY B 454 4.52 14.75 21.37
N PRO B 455 5.62 15.45 21.67
CA PRO B 455 6.32 15.17 22.94
C PRO B 455 5.53 15.60 24.16
N VAL B 456 4.93 16.78 24.10
CA VAL B 456 4.20 17.34 25.22
C VAL B 456 3.18 16.34 25.72
N MET B 457 2.33 15.88 24.83
CA MET B 457 1.28 15.10 25.39
C MET B 457 1.67 13.62 25.54
N PHE B 458 2.66 13.15 24.77
CA PHE B 458 3.30 11.86 25.03
C PHE B 458 3.79 11.76 26.48
N ASP B 459 4.41 12.85 26.93
CA ASP B 459 4.99 12.88 28.24
C ASP B 459 3.94 12.63 29.31
N THR B 460 2.70 13.00 29.05
CA THR B 460 1.68 12.76 30.05
C THR B 460 1.38 11.27 30.11
N VAL B 461 1.49 10.59 28.97
CA VAL B 461 1.27 9.13 28.93
C VAL B 461 2.45 8.39 29.58
N ARG B 462 3.65 8.90 29.37
CA ARG B 462 4.83 8.46 30.09
C ARG B 462 4.59 8.52 31.59
N GLN B 463 4.20 9.69 32.06
CA GLN B 463 3.77 9.82 33.44
C GLN B 463 2.92 8.64 33.88
N ILE B 464 1.82 8.41 33.18
CA ILE B 464 0.94 7.30 33.50
C ILE B 464 1.69 5.96 33.48
N ALA B 465 2.48 5.75 32.43
CA ALA B 465 3.20 4.49 32.25
C ALA B 465 4.21 4.21 33.37
N ILE B 466 5.00 5.20 33.78
CA ILE B 466 5.87 5.06 34.94
C ILE B 466 5.09 4.46 36.13
N LYS B 467 4.08 5.21 36.56
CA LYS B 467 3.32 4.88 37.75
C LYS B 467 2.68 3.49 37.56
N THR B 468 2.33 3.17 36.33
CA THR B 468 1.73 1.86 36.05
C THR B 468 2.78 0.79 36.20
N ALA B 469 3.95 1.02 35.61
CA ALA B 469 5.06 0.06 35.66
C ALA B 469 5.53 -0.25 37.10
N GLN B 470 5.35 0.71 38.01
CA GLN B 470 5.71 0.52 39.42
C GLN B 470 4.73 -0.36 40.19
N GLY B 471 3.47 0.04 40.24
CA GLY B 471 2.43 -0.81 40.83
C GLY B 471 2.51 -2.24 40.27
N GLU B 472 2.75 -2.34 38.97
CA GLU B 472 2.71 -3.64 38.32
C GLU B 472 4.03 -4.39 38.22
N GLY B 473 5.11 -3.80 38.74
CA GLY B 473 6.43 -4.43 38.69
C GLY B 473 6.84 -4.79 37.28
N LEU B 474 6.91 -3.78 36.41
CA LEU B 474 7.34 -3.94 35.02
C LEU B 474 8.54 -3.06 34.59
N VAL B 475 9.08 -3.34 33.39
CA VAL B 475 9.94 -2.37 32.69
C VAL B 475 9.57 -2.15 31.22
N LEU B 476 9.45 -0.87 30.90
CA LEU B 476 8.80 -0.40 29.69
C LEU B 476 9.80 0.44 28.92
N VAL B 477 10.32 -0.14 27.86
CA VAL B 477 11.45 0.43 27.14
C VAL B 477 11.02 1.70 26.42
N ASN B 478 9.79 1.70 25.92
CA ASN B 478 9.18 2.90 25.28
C ASN B 478 8.74 3.98 26.24
N THR B 479 9.35 3.97 27.43
CA THR B 479 9.20 5.03 28.39
C THR B 479 10.15 6.10 27.91
N ASN B 480 11.10 5.70 27.06
CA ASN B 480 11.87 6.68 26.34
C ASN B 480 11.22 7.04 25.01
N TYR B 481 11.01 8.34 24.86
CA TYR B 481 10.34 8.95 23.72
C TYR B 481 10.90 8.51 22.38
N ASP B 482 12.20 8.27 22.30
CA ASP B 482 12.77 7.90 21.02
C ASP B 482 12.52 6.46 20.67
N GLN B 483 12.29 5.66 21.69
CA GLN B 483 12.10 4.24 21.49
C GLN B 483 10.67 4.05 21.01
N ALA B 484 9.71 4.61 21.72
CA ALA B 484 8.35 4.62 21.23
C ALA B 484 8.33 5.06 19.78
N LEU B 485 8.96 6.20 19.47
CA LEU B 485 8.96 6.73 18.10
C LEU B 485 9.53 5.75 17.06
N ALA B 486 10.61 5.09 17.47
CA ALA B 486 11.33 4.12 16.66
C ALA B 486 10.47 2.91 16.35
N THR B 487 9.71 2.48 17.36
CA THR B 487 8.89 1.31 17.20
C THR B 487 7.66 1.65 16.39
N TYR B 488 7.17 2.89 16.48
CA TYR B 488 6.13 3.28 15.54
C TYR B 488 6.65 3.26 14.12
N ASN B 489 7.73 3.98 13.89
CA ASN B 489 8.36 4.02 12.59
C ASN B 489 8.59 2.64 11.98
N ALA B 490 9.01 1.70 12.82
CA ALA B 490 9.17 0.32 12.39
C ALA B 490 7.90 -0.16 11.71
N TRP B 491 6.77 0.02 12.38
CA TRP B 491 5.47 -0.44 11.89
C TRP B 491 5.13 0.17 10.55
N PHE B 492 5.24 1.49 10.52
CA PHE B 492 4.76 2.31 9.45
C PHE B 492 5.56 2.13 8.16
N ILE B 493 6.89 2.16 8.25
CA ILE B 493 7.69 1.87 7.05
C ILE B 493 7.49 0.43 6.57
N GLY B 494 7.31 -0.48 7.54
CA GLY B 494 7.04 -1.89 7.29
C GLY B 494 5.67 -2.19 6.70
N GLY B 495 4.93 -1.13 6.34
CA GLY B 495 3.57 -1.26 5.75
C GLY B 495 3.36 -0.99 4.25
N THR B 496 4.44 -1.05 3.47
CA THR B 496 4.51 -0.59 2.08
C THR B 496 5.54 -1.46 1.30
N VAL B 497 5.05 -2.28 0.37
CA VAL B 497 5.93 -3.19 -0.37
C VAL B 497 6.60 -2.49 -1.56
N PRO B 498 7.93 -2.18 -1.46
CA PRO B 498 8.73 -1.34 -2.39
C PRO B 498 9.53 -2.10 -3.46
N ASP B 499 10.84 -1.78 -3.62
CA ASP B 499 11.68 -2.07 -4.83
C ASP B 499 11.09 -3.19 -5.67
N PRO B 500 10.29 -2.81 -6.70
CA PRO B 500 9.29 -3.55 -7.50
C PRO B 500 9.40 -5.10 -7.49
N VAL B 501 8.86 -5.74 -6.43
CA VAL B 501 8.68 -7.21 -6.39
C VAL B 501 7.56 -7.59 -7.38
N GLY B 502 7.89 -8.54 -8.25
CA GLY B 502 7.02 -9.01 -9.31
C GLY B 502 7.84 -9.77 -10.33
C1 GOL C . 27.35 21.40 -28.46
O1 GOL C . 27.62 20.98 -29.79
C2 GOL C . 27.22 20.23 -27.48
O2 GOL C . 28.27 20.41 -26.57
C3 GOL C . 25.86 20.08 -26.73
O3 GOL C . 25.90 20.18 -25.30
C1 GOL D . -8.20 11.33 -16.52
O1 GOL D . -9.26 12.17 -16.91
C2 GOL D . -8.48 9.87 -16.87
O2 GOL D . -8.59 9.75 -18.28
C3 GOL D . -7.33 8.98 -16.37
O3 GOL D . -7.83 7.98 -15.50
C1 GOL E . -25.55 4.09 -12.59
O1 GOL E . -25.99 2.94 -13.29
C2 GOL E . -24.75 4.99 -13.52
O2 GOL E . -24.89 6.33 -13.14
C3 GOL E . -23.25 4.67 -13.47
O3 GOL E . -22.54 5.75 -14.07
#